data_1DZH
#
_entry.id   1DZH
#
_cell.length_a   69.175
_cell.length_b   99.865
_cell.length_c   89.421
_cell.angle_alpha   90.00
_cell.angle_beta   105.63
_cell.angle_gamma   90.00
#
_symmetry.space_group_name_H-M   'P 1 21 1'
#
loop_
_entity.id
_entity.type
_entity.pdbx_description
1 polymer ANTITHROMBIN-III
2 polymer ANTITHROMBIN-III
3 branched 2-acetamido-2-deoxy-beta-D-glucopyranose-(1-4)-2-acetamido-2-deoxy-beta-D-glucopyranose
4 branched beta-D-mannopyranose-(1-3)-beta-D-mannopyranose-(1-4)-2-acetamido-2-deoxy-beta-D-glucopyranose-(1-4)-2-acetamido-2-deoxy-beta-D-glucopyranose
5 non-polymer 2-acetamido-2-deoxy-beta-D-glucopyranose
6 non-polymer GLYCEROL
7 water water
#
loop_
_entity_poly.entity_id
_entity_poly.type
_entity_poly.pdbx_seq_one_letter_code
_entity_poly.pdbx_strand_id
1 'polypeptide(L)'
;HGSPVDICTAKPRDIPMNPMCIYRSPEKKATEDEGSEQKIPEATNRRVWELSKANSRFATTFYQHLADSKNDNDNIFLSP
LSISTAFAMTKLGACNDTLQQLMEVFKFDTISEKTSDQIHFFFAKLNCRLYRKAQKSSKLVSANRLFGDKSLTFNETYQD
ISELVYGAKLQPLDFKENAEQSRAAINKWVSNKTEGRITDVIPSEAINELTVLVLVNTIYFKGLWKSKFSPENTRKELFY
KADGESCSASMMYQEGKFRYRRVAEGTQVLELPFKGDDITMVLILPKPEKSLAKVEKELTPEVLQEWLDELEEMMLVVHM
PRFRIEDGFSLKEQLQDMGLVDLFSPEKSKLPGIVAEGRDDLYVSDAFHKAFLEVNEEG(CYF)EAAASTAVVIAGRSLN
PNRVTFKANRPFLVFIREVPLNTIIFMGRVANPCVK
;
I
2 'polypeptide(L)'
;HGSPVDICTAKPRDIPMNPMCIYRSPEKKATEDEGSEQKIPEATNRRVWELSKANSRFATTFYQHLADSKNDNDNIFLSP
LSISTAFAMTKLGACNDTLQQLMEVFKFDTISEKTSDQIHFFFAKLNCRLYRKANKSSKLVSANRLFGDKSLTFNETYQD
ISELVYGAKLQPLDFKENAEQSRAAINKWVSNKTEGRITDVIPSEAINELTVLVLVNTIYFKGLWKSKFSPENTRKELFY
KADGESCSASMMYQEGKFRYRRVAEGTQVLELPFKGDDITMVLILPKPEKSLAKVEKELTPEVLQEWLDELEEMMLVVHM
PRFRIEDGFSLKEQLQDMGLVDLFSPEKSKLPGIVAEGRDDLYVSDAFHKAFLEVNEEGSEAAASTAVVIAGRSLNPNRV
TFKANRPFLVFIREVPLNTIIFMGRVANPCVK
;
L
#
loop_
_chem_comp.id
_chem_comp.type
_chem_comp.name
_chem_comp.formula
BMA D-saccharide, beta linking beta-D-mannopyranose 'C6 H12 O6'
GOL non-polymer GLYCEROL 'C3 H8 O3'
NAG D-saccharide, beta linking 2-acetamido-2-deoxy-beta-D-glucopyranose 'C8 H15 N O6'
#
# COMPACT_ATOMS: atom_id res chain seq x y z
N PRO A 4 17.49 26.27 32.69
CA PRO A 4 16.55 25.26 32.15
C PRO A 4 15.25 25.86 31.65
N VAL A 5 15.31 27.07 31.08
CA VAL A 5 14.13 27.72 30.51
C VAL A 5 14.00 27.39 29.03
N ASP A 6 13.15 26.42 28.72
CA ASP A 6 12.91 26.01 27.34
C ASP A 6 11.75 26.82 26.76
N ILE A 7 11.69 26.85 25.44
CA ILE A 7 10.67 27.56 24.69
C ILE A 7 9.29 26.99 24.87
N CYS A 8 9.15 25.67 24.99
CA CYS A 8 7.94 24.96 25.28
C CYS A 8 7.36 25.24 26.66
N THR A 9 8.17 25.56 27.66
CA THR A 9 7.71 25.90 28.99
C THR A 9 7.54 27.41 29.18
N ALA A 10 8.13 28.22 28.32
CA ALA A 10 8.13 29.66 28.47
C ALA A 10 6.78 30.28 28.80
N LYS A 11 6.83 31.20 29.76
CA LYS A 11 5.65 31.99 30.17
C LYS A 11 5.91 33.45 29.81
N PRO A 12 4.86 34.28 29.80
CA PRO A 12 4.94 35.67 29.42
C PRO A 12 6.05 36.47 30.02
N ARG A 13 6.30 36.39 31.33
CA ARG A 13 7.40 36.97 32.03
C ARG A 13 8.78 36.49 31.64
N ASP A 14 8.94 35.31 31.03
CA ASP A 14 10.17 34.80 30.50
C ASP A 14 10.54 35.37 29.15
N ILE A 15 9.64 36.02 28.46
CA ILE A 15 9.94 36.88 27.29
C ILE A 15 9.84 38.30 27.85
N PRO A 16 10.99 38.86 28.25
CA PRO A 16 11.03 40.10 29.00
C PRO A 16 10.93 41.37 28.20
N MET A 17 10.70 41.32 26.90
CA MET A 17 10.50 42.49 26.10
C MET A 17 9.18 43.18 26.41
N ASN A 18 9.27 44.19 27.29
CA ASN A 18 8.25 45.14 27.62
C ASN A 18 8.93 46.52 27.86
N PRO A 19 9.49 47.07 26.79
CA PRO A 19 10.17 48.36 26.90
C PRO A 19 9.13 49.48 26.92
N MET A 20 9.54 50.63 26.37
CA MET A 20 8.65 51.76 26.09
C MET A 20 8.08 51.59 24.67
N CYS A 21 8.78 50.79 23.89
CA CYS A 21 8.32 50.30 22.60
C CYS A 21 7.26 49.21 22.83
N ILE A 22 5.99 49.56 22.83
CA ILE A 22 4.91 48.59 22.98
C ILE A 22 3.72 49.09 22.16
N TYR A 23 2.99 48.22 21.52
CA TYR A 23 1.82 48.65 20.75
C TYR A 23 0.61 47.90 21.31
N ARG A 24 -0.58 48.44 21.11
CA ARG A 24 -1.82 47.87 21.64
C ARG A 24 -2.88 47.82 20.55
N SER A 25 -3.07 46.65 19.96
CA SER A 25 -4.08 46.54 18.90
C SER A 25 -5.46 46.86 19.49
N PRO A 26 -6.34 47.34 18.61
CA PRO A 26 -7.71 47.64 18.96
C PRO A 26 -8.48 46.46 19.57
N GLU A 27 -9.77 46.70 19.80
CA GLU A 27 -10.68 45.63 20.22
C GLU A 27 -11.50 45.17 19.01
N LYS A 28 -11.68 43.87 18.90
CA LYS A 28 -12.38 43.30 17.75
C LYS A 28 -13.88 43.57 17.84
N LYS A 29 -14.53 43.67 16.70
CA LYS A 29 -15.97 43.94 16.66
C LYS A 29 -16.64 43.26 15.47
N ILE A 40 -13.19 26.63 17.98
CA ILE A 40 -11.94 26.10 18.54
C ILE A 40 -12.05 24.60 18.77
N PRO A 41 -11.05 23.87 18.27
CA PRO A 41 -10.99 22.43 18.43
C PRO A 41 -10.71 22.02 19.87
N GLU A 42 -10.56 20.71 20.07
CA GLU A 42 -10.36 20.17 21.41
C GLU A 42 -8.88 19.99 21.72
N ALA A 43 -8.43 20.59 22.83
CA ALA A 43 -7.06 20.53 23.29
C ALA A 43 -6.10 21.42 22.52
N THR A 44 -6.60 22.36 21.73
CA THR A 44 -5.79 23.19 20.86
C THR A 44 -5.68 24.59 21.46
N ASN A 45 -4.45 25.05 21.67
CA ASN A 45 -4.21 26.28 22.39
C ASN A 45 -4.86 27.48 21.75
N ARG A 46 -5.74 28.15 22.51
CA ARG A 46 -6.44 29.34 22.05
C ARG A 46 -5.46 30.38 21.51
N ARG A 47 -4.47 30.75 22.31
CA ARG A 47 -3.37 31.59 21.93
C ARG A 47 -2.80 31.29 20.56
N VAL A 48 -2.32 30.07 20.30
CA VAL A 48 -1.82 29.67 19.00
C VAL A 48 -2.85 29.67 17.89
N TRP A 49 -4.11 29.40 18.20
CA TRP A 49 -5.17 29.43 17.21
C TRP A 49 -5.44 30.83 16.69
N GLU A 50 -5.36 31.83 17.56
CA GLU A 50 -5.46 33.23 17.19
C GLU A 50 -4.28 33.69 16.34
N LEU A 51 -3.06 33.30 16.76
CA LEU A 51 -1.90 33.62 15.94
C LEU A 51 -2.00 33.02 14.55
N SER A 52 -2.38 31.75 14.45
CA SER A 52 -2.64 31.12 13.16
C SER A 52 -3.64 31.87 12.33
N LYS A 53 -4.79 32.27 12.86
CA LYS A 53 -5.80 33.05 12.17
C LYS A 53 -5.23 34.30 11.50
N ALA A 54 -4.48 35.09 12.27
CA ALA A 54 -3.77 36.25 11.81
C ALA A 54 -2.75 35.94 10.73
N ASN A 55 -1.93 34.90 10.96
CA ASN A 55 -0.96 34.43 9.99
C ASN A 55 -1.56 34.04 8.65
N SER A 56 -2.78 33.50 8.61
CA SER A 56 -3.48 33.21 7.38
C SER A 56 -4.10 34.42 6.73
N ARG A 57 -4.42 35.47 7.51
CA ARG A 57 -4.85 36.75 6.94
C ARG A 57 -3.69 37.41 6.19
N PHE A 58 -2.47 37.33 6.75
CA PHE A 58 -1.31 37.78 6.03
C PHE A 58 -1.12 36.96 4.76
N ALA A 59 -1.04 35.64 4.93
CA ALA A 59 -0.89 34.71 3.82
C ALA A 59 -1.83 34.98 2.67
N THR A 60 -3.14 35.03 2.92
CA THR A 60 -4.09 35.28 1.84
C THR A 60 -3.80 36.59 1.13
N THR A 61 -3.77 37.68 1.90
CA THR A 61 -3.47 39.01 1.38
C THR A 61 -2.20 39.08 0.58
N PHE A 62 -1.07 38.67 1.18
CA PHE A 62 0.21 38.65 0.49
C PHE A 62 0.18 37.82 -0.79
N TYR A 63 -0.45 36.65 -0.74
CA TYR A 63 -0.64 35.83 -1.91
C TYR A 63 -1.43 36.56 -3.00
N GLN A 64 -2.59 37.13 -2.66
CA GLN A 64 -3.42 37.80 -3.65
C GLN A 64 -2.68 38.92 -4.36
N HIS A 65 -2.00 39.76 -3.59
CA HIS A 65 -1.11 40.77 -4.10
C HIS A 65 -0.11 40.18 -5.09
N LEU A 66 0.74 39.26 -4.62
CA LEU A 66 1.70 38.57 -5.46
C LEU A 66 1.07 38.06 -6.75
N ALA A 67 0.01 37.28 -6.65
CA ALA A 67 -0.81 36.83 -7.75
C ALA A 67 -1.03 37.95 -8.77
N ASP A 68 -1.74 39.01 -8.40
CA ASP A 68 -1.92 40.18 -9.23
C ASP A 68 -0.72 40.71 -9.95
N SER A 69 0.45 40.81 -9.36
CA SER A 69 1.70 41.13 -9.99
C SER A 69 2.17 40.21 -11.09
N LYS A 70 1.80 38.93 -11.06
CA LYS A 70 2.33 37.87 -11.90
C LYS A 70 1.36 37.39 -12.98
N ASN A 71 1.94 36.78 -14.02
CA ASN A 71 1.16 36.20 -15.13
C ASN A 71 0.50 34.88 -14.75
N ASP A 72 -0.75 34.69 -15.18
CA ASP A 72 -1.50 33.47 -15.02
C ASP A 72 -0.76 32.17 -15.23
N ASN A 73 -0.01 31.96 -16.28
CA ASN A 73 0.80 30.81 -16.57
C ASN A 73 2.10 30.66 -15.81
N ASP A 74 2.31 31.37 -14.71
CA ASP A 74 3.45 31.27 -13.83
C ASP A 74 3.12 30.50 -12.54
N ASN A 75 4.08 29.69 -12.14
CA ASN A 75 3.95 28.94 -10.89
C ASN A 75 4.44 29.84 -9.74
N ILE A 76 3.69 29.87 -8.66
CA ILE A 76 4.07 30.62 -7.46
C ILE A 76 4.35 29.58 -6.35
N PHE A 77 5.22 29.91 -5.40
CA PHE A 77 5.39 29.04 -4.25
C PHE A 77 6.22 29.62 -3.12
N LEU A 78 5.58 30.02 -2.04
CA LEU A 78 6.29 30.58 -0.90
C LEU A 78 5.72 30.12 0.42
N SER A 79 6.51 30.26 1.48
CA SER A 79 6.04 29.96 2.84
C SER A 79 5.68 31.26 3.53
N PRO A 80 4.39 31.55 3.64
CA PRO A 80 3.93 32.71 4.42
C PRO A 80 4.37 32.60 5.86
N LEU A 81 4.14 31.46 6.53
CA LEU A 81 4.64 31.20 7.86
C LEU A 81 6.09 31.63 8.01
N SER A 82 7.01 31.18 7.18
CA SER A 82 8.36 31.72 7.17
C SER A 82 8.32 33.24 7.34
N ILE A 83 7.81 33.94 6.32
CA ILE A 83 7.77 35.39 6.30
C ILE A 83 7.31 35.95 7.63
N SER A 84 6.03 35.77 8.00
CA SER A 84 5.54 36.25 9.28
C SER A 84 6.50 35.93 10.41
N THR A 85 6.88 34.66 10.58
CA THR A 85 7.92 34.29 11.51
C THR A 85 9.14 35.20 11.49
N ALA A 86 9.79 35.42 10.35
CA ALA A 86 10.98 36.23 10.26
C ALA A 86 10.79 37.66 10.74
N PHE A 87 9.80 38.35 10.16
CA PHE A 87 9.48 39.70 10.56
C PHE A 87 9.07 39.80 11.99
N ALA A 88 8.22 38.91 12.50
CA ALA A 88 7.95 38.84 13.93
C ALA A 88 9.24 38.91 14.73
N MET A 89 10.21 38.03 14.50
CA MET A 89 11.52 38.08 15.11
C MET A 89 12.25 39.38 14.91
N THR A 90 12.24 39.93 13.69
CA THR A 90 12.77 41.27 13.41
C THR A 90 12.12 42.33 14.29
N LYS A 91 10.78 42.34 14.38
CA LYS A 91 9.99 43.19 15.23
C LYS A 91 10.36 43.28 16.68
N LEU A 92 10.98 42.30 17.33
CA LEU A 92 11.58 42.40 18.64
C LEU A 92 12.34 43.69 18.91
N GLY A 93 13.13 44.23 18.00
CA GLY A 93 13.84 45.46 18.15
C GLY A 93 13.15 46.70 17.59
N ALA A 94 11.98 46.58 16.98
CA ALA A 94 11.32 47.72 16.36
C ALA A 94 10.74 48.66 17.41
N CYS A 95 10.17 49.78 16.97
CA CYS A 95 9.64 50.77 17.89
C CYS A 95 8.87 51.90 17.18
N ASN A 96 8.11 52.62 18.01
CA ASN A 96 7.31 53.73 17.51
C ASN A 96 6.63 53.37 16.23
N ASP A 97 6.73 54.13 15.15
CA ASP A 97 6.03 53.85 13.91
C ASP A 97 6.49 52.61 13.16
N THR A 98 7.77 52.28 13.24
CA THR A 98 8.31 51.04 12.70
C THR A 98 7.53 49.85 13.24
N LEU A 99 7.55 49.67 14.57
CA LEU A 99 6.81 48.63 15.24
C LEU A 99 5.36 48.55 14.84
N GLN A 100 4.61 49.65 14.87
CA GLN A 100 3.20 49.63 14.52
C GLN A 100 2.95 49.07 13.13
N GLN A 101 3.73 49.52 12.15
CA GLN A 101 3.67 49.04 10.78
C GLN A 101 3.79 47.53 10.67
N LEU A 102 4.81 46.94 11.32
CA LEU A 102 4.96 45.49 11.39
C LEU A 102 3.68 44.83 11.83
N MET A 103 3.14 45.21 12.98
CA MET A 103 1.88 44.72 13.48
C MET A 103 0.69 44.83 12.57
N GLU A 104 0.53 45.85 11.75
CA GLU A 104 -0.61 45.99 10.86
C GLU A 104 -0.41 45.29 9.53
N VAL A 105 0.83 45.30 9.03
CA VAL A 105 1.13 44.63 7.75
C VAL A 105 0.80 43.15 7.86
N PHE A 106 1.41 42.52 8.87
CA PHE A 106 1.29 41.12 9.16
C PHE A 106 0.06 40.68 9.91
N LYS A 107 -1.01 41.46 9.96
CA LYS A 107 -2.25 41.32 10.63
C LYS A 107 -2.25 40.82 12.06
N PHE A 108 -1.21 41.07 12.84
CA PHE A 108 -1.02 40.67 14.21
C PHE A 108 -1.92 41.48 15.15
N ASP A 109 -2.37 42.64 14.71
CA ASP A 109 -3.32 43.48 15.35
C ASP A 109 -4.78 43.07 15.17
N THR A 110 -5.08 41.97 14.51
CA THR A 110 -6.41 41.43 14.37
C THR A 110 -6.77 40.49 15.52
N ILE A 111 -5.78 40.07 16.32
CA ILE A 111 -6.00 39.38 17.57
C ILE A 111 -6.35 40.46 18.63
N SER A 112 -7.63 40.72 18.77
CA SER A 112 -8.15 41.76 19.61
C SER A 112 -7.48 41.90 20.95
N GLU A 113 -7.08 43.14 21.29
CA GLU A 113 -6.64 43.53 22.60
C GLU A 113 -5.28 43.04 23.05
N LYS A 114 -4.48 42.44 22.19
CA LYS A 114 -3.18 41.94 22.59
C LYS A 114 -2.10 42.98 22.28
N THR A 115 -1.04 42.93 23.05
CA THR A 115 0.09 43.86 22.89
C THR A 115 1.09 43.22 21.94
N SER A 116 2.03 43.98 21.40
CA SER A 116 3.11 43.50 20.58
C SER A 116 3.98 42.43 21.24
N ASP A 117 4.24 42.52 22.54
CA ASP A 117 4.98 41.56 23.31
C ASP A 117 4.34 40.19 23.44
N GLN A 118 3.02 40.09 23.49
CA GLN A 118 2.30 38.83 23.58
C GLN A 118 2.41 37.98 22.33
N ILE A 119 2.48 38.60 21.16
CA ILE A 119 2.79 37.97 19.89
C ILE A 119 3.98 37.05 19.95
N HIS A 120 5.09 37.43 20.58
CA HIS A 120 6.24 36.60 20.83
C HIS A 120 6.02 35.47 21.79
N PHE A 121 5.09 35.65 22.74
CA PHE A 121 4.64 34.55 23.59
C PHE A 121 3.85 33.54 22.77
N PHE A 122 3.07 34.00 21.79
CA PHE A 122 2.34 33.17 20.88
C PHE A 122 3.23 32.49 19.86
N PHE A 123 4.30 33.15 19.39
CA PHE A 123 5.24 32.47 18.49
C PHE A 123 5.98 31.39 19.25
N ALA A 124 6.45 31.69 20.45
CA ALA A 124 6.92 30.67 21.38
C ALA A 124 6.07 29.41 21.34
N LYS A 125 4.80 29.46 21.72
CA LYS A 125 3.94 28.29 21.68
C LYS A 125 3.79 27.70 20.30
N LEU A 126 3.49 28.51 19.28
CA LEU A 126 3.41 28.03 17.90
C LEU A 126 4.69 27.31 17.46
N ASN A 127 5.84 27.96 17.68
CA ASN A 127 7.14 27.45 17.32
C ASN A 127 7.51 26.16 18.00
N CYS A 128 7.27 26.07 19.30
CA CYS A 128 7.50 24.86 20.06
C CYS A 128 6.82 23.67 19.41
N ARG A 129 5.51 23.75 19.16
CA ARG A 129 4.78 22.74 18.44
C ARG A 129 5.27 22.46 17.04
N LEU A 130 5.53 23.48 16.24
CA LEU A 130 5.98 23.29 14.86
C LEU A 130 7.30 22.54 14.79
N TYR A 131 8.39 23.13 15.29
CA TYR A 131 9.73 22.69 15.09
C TYR A 131 10.43 21.95 16.22
N ARG A 132 10.05 22.10 17.47
CA ARG A 132 10.79 21.41 18.54
C ARG A 132 10.19 20.05 18.83
N LYS A 133 8.93 19.87 18.47
CA LYS A 133 8.24 18.60 18.57
C LYS A 133 9.10 17.45 18.06
N ALA A 134 8.89 16.26 18.64
CA ALA A 134 9.58 15.06 18.20
C ALA A 134 9.13 14.70 16.78
N GLN A 135 10.01 14.98 15.82
CA GLN A 135 9.70 14.73 14.41
C GLN A 135 10.19 13.34 14.00
N LYS A 136 9.30 12.56 13.38
CA LYS A 136 9.67 11.20 12.98
C LYS A 136 9.22 10.91 11.55
N SER A 137 8.01 11.36 11.25
CA SER A 137 7.44 11.16 9.92
C SER A 137 8.16 12.10 8.94
N SER A 138 7.68 13.34 8.95
CA SER A 138 8.13 14.36 8.02
C SER A 138 8.99 15.38 8.75
N LYS A 139 9.90 16.01 8.00
CA LYS A 139 10.78 17.02 8.56
C LYS A 139 10.32 18.43 8.22
N LEU A 140 10.35 19.30 9.24
CA LEU A 140 10.03 20.71 9.09
C LEU A 140 11.13 21.50 9.83
N VAL A 141 11.94 22.24 9.09
CA VAL A 141 13.09 22.94 9.69
C VAL A 141 13.04 24.43 9.38
N SER A 142 13.23 25.24 10.43
CA SER A 142 13.21 26.67 10.33
C SER A 142 14.61 27.28 10.18
N ALA A 143 14.69 28.26 9.28
CA ALA A 143 15.91 29.06 9.11
C ALA A 143 15.53 30.54 9.16
N ASN A 144 15.80 31.19 10.28
CA ASN A 144 15.45 32.60 10.46
C ASN A 144 16.72 33.36 10.90
N ARG A 145 17.25 34.26 10.06
CA ARG A 145 18.48 34.92 10.49
C ARG A 145 18.56 36.38 10.11
N LEU A 146 19.02 37.18 11.08
CA LEU A 146 19.23 38.61 10.85
C LEU A 146 20.73 38.86 10.70
N PHE A 147 21.14 39.18 9.48
CA PHE A 147 22.57 39.38 9.22
C PHE A 147 22.91 40.87 9.24
N GLY A 148 23.80 41.25 10.16
CA GLY A 148 24.20 42.66 10.25
C GLY A 148 25.71 42.80 10.17
N ASP A 149 26.15 43.95 9.67
CA ASP A 149 27.59 44.24 9.58
C ASP A 149 28.20 44.24 10.97
N LYS A 150 29.48 43.88 11.14
CA LYS A 150 30.15 43.82 12.41
C LYS A 150 30.10 45.02 13.30
N SER A 151 30.05 46.24 12.80
CA SER A 151 29.86 47.47 13.52
C SER A 151 28.59 47.51 14.36
N LEU A 152 27.48 46.93 13.91
CA LEU A 152 26.27 46.82 14.68
C LEU A 152 26.52 45.92 15.91
N THR A 153 25.81 46.23 16.98
CA THR A 153 25.79 45.42 18.19
C THR A 153 24.31 45.26 18.56
N PHE A 154 23.82 44.02 18.46
CA PHE A 154 22.40 43.81 18.78
C PHE A 154 22.23 43.93 20.29
N ASN A 155 21.05 44.35 20.73
CA ASN A 155 20.80 44.44 22.16
C ASN A 155 20.90 43.07 22.80
N GLU A 156 21.42 42.98 24.02
CA GLU A 156 21.38 41.76 24.84
C GLU A 156 20.00 41.09 24.80
N THR A 157 18.97 41.83 25.20
CA THR A 157 17.59 41.41 25.18
C THR A 157 17.12 40.95 23.81
N TYR A 158 17.44 41.70 22.75
CA TYR A 158 17.14 41.28 21.38
C TYR A 158 17.67 39.85 21.16
N GLN A 159 18.98 39.68 21.29
CA GLN A 159 19.62 38.39 21.20
C GLN A 159 18.87 37.32 21.96
N ASP A 160 18.98 37.32 23.28
CA ASP A 160 18.33 36.35 24.14
C ASP A 160 16.96 35.91 23.64
N ILE A 161 15.97 36.78 23.68
CA ILE A 161 14.64 36.52 23.17
C ILE A 161 14.54 35.92 21.80
N SER A 162 15.28 36.38 20.79
CA SER A 162 15.21 35.82 19.45
C SER A 162 15.77 34.39 19.39
N GLU A 163 16.80 34.11 20.16
CA GLU A 163 17.29 32.77 20.41
C GLU A 163 16.21 31.89 21.05
N LEU A 164 15.66 32.34 22.18
CA LEU A 164 14.61 31.56 22.84
C LEU A 164 13.44 31.34 21.88
N VAL A 165 12.65 32.37 21.65
CA VAL A 165 11.40 32.28 20.91
C VAL A 165 11.50 31.77 19.50
N TYR A 166 12.46 32.27 18.71
CA TYR A 166 12.54 31.94 17.29
C TYR A 166 13.71 31.07 16.93
N GLY A 167 14.58 30.76 17.89
CA GLY A 167 15.77 29.95 17.62
C GLY A 167 16.64 30.59 16.56
N ALA A 168 16.79 31.90 16.61
CA ALA A 168 17.43 32.69 15.58
C ALA A 168 18.62 33.40 16.24
N LYS A 169 19.67 33.51 15.48
CA LYS A 169 20.88 34.19 15.92
C LYS A 169 20.91 35.54 15.18
N LEU A 170 21.39 36.55 15.88
CA LEU A 170 21.61 37.86 15.22
C LEU A 170 23.09 37.85 14.82
N GLN A 171 23.35 37.37 13.60
CA GLN A 171 24.67 37.13 13.10
C GLN A 171 25.35 38.35 12.48
N PRO A 172 26.45 38.75 13.13
CA PRO A 172 27.32 39.78 12.62
C PRO A 172 28.28 39.19 11.57
N LEU A 173 28.31 39.84 10.42
CA LEU A 173 29.17 39.39 9.33
C LEU A 173 29.90 40.60 8.75
N ASP A 174 31.14 40.44 8.37
CA ASP A 174 32.00 41.46 7.79
C ASP A 174 31.52 42.02 6.47
N PHE A 175 30.47 42.85 6.45
CA PHE A 175 29.87 43.39 5.27
C PHE A 175 30.67 44.52 4.63
N LYS A 176 31.34 45.30 5.47
CA LYS A 176 32.13 46.43 5.01
C LYS A 176 33.19 46.02 4.01
N GLU A 177 34.10 45.14 4.41
CA GLU A 177 35.21 44.73 3.56
C GLU A 177 34.97 43.48 2.74
N ASN A 178 34.41 42.43 3.36
CA ASN A 178 34.26 41.13 2.72
C ASN A 178 32.82 40.83 2.30
N ALA A 179 32.24 41.74 1.55
CA ALA A 179 30.91 41.66 0.99
C ALA A 179 30.54 40.28 0.45
N GLU A 180 31.22 39.87 -0.63
CA GLU A 180 30.93 38.61 -1.28
C GLU A 180 31.18 37.38 -0.45
N GLN A 181 32.27 37.30 0.31
CA GLN A 181 32.53 36.21 1.24
C GLN A 181 31.41 36.00 2.25
N SER A 182 30.79 37.03 2.78
CA SER A 182 29.61 36.97 3.61
C SER A 182 28.37 36.52 2.86
N ARG A 183 28.15 37.02 1.65
CA ARG A 183 27.05 36.52 0.81
C ARG A 183 27.18 35.00 0.65
N ALA A 184 28.32 34.56 0.15
CA ALA A 184 28.79 33.19 0.18
C ALA A 184 28.47 32.47 1.48
N ALA A 185 28.89 32.99 2.62
CA ALA A 185 28.54 32.47 3.92
C ALA A 185 27.04 32.29 4.12
N ILE A 186 26.25 33.34 3.89
CA ILE A 186 24.80 33.23 4.08
C ILE A 186 24.24 32.13 3.20
N ASN A 187 24.47 32.25 1.88
CA ASN A 187 24.08 31.23 0.91
C ASN A 187 24.43 29.84 1.34
N LYS A 188 25.66 29.55 1.74
CA LYS A 188 26.08 28.34 2.39
C LYS A 188 25.26 27.90 3.59
N TRP A 189 24.95 28.80 4.52
CA TRP A 189 24.18 28.46 5.70
C TRP A 189 22.75 28.09 5.40
N VAL A 190 22.04 28.81 4.52
CA VAL A 190 20.72 28.37 4.06
C VAL A 190 20.75 27.04 3.35
N SER A 191 21.76 26.79 2.51
CA SER A 191 22.02 25.48 1.93
C SER A 191 22.09 24.38 2.98
N ASN A 192 22.91 24.57 4.01
CA ASN A 192 23.07 23.61 5.09
C ASN A 192 21.87 23.38 5.95
N LYS A 193 20.87 24.27 6.00
CA LYS A 193 19.60 24.04 6.62
C LYS A 193 18.52 23.51 5.70
N THR A 194 18.73 23.51 4.39
CA THR A 194 17.75 22.99 3.45
C THR A 194 18.14 21.66 2.84
N GLU A 195 19.20 21.05 3.37
CA GLU A 195 19.77 19.82 2.85
C GLU A 195 20.33 19.96 1.44
N GLY A 196 20.89 21.11 1.10
CA GLY A 196 21.42 21.44 -0.18
C GLY A 196 20.45 21.84 -1.25
N ARG A 197 19.17 22.02 -0.96
CA ARG A 197 18.19 22.37 -1.97
C ARG A 197 18.10 23.83 -2.31
N ILE A 198 18.33 24.72 -1.35
CA ILE A 198 18.36 26.17 -1.65
C ILE A 198 19.80 26.66 -1.56
N THR A 199 20.37 27.04 -2.70
CA THR A 199 21.80 27.34 -2.78
C THR A 199 22.12 28.81 -2.89
N ASP A 200 21.09 29.57 -3.28
CA ASP A 200 21.20 30.96 -3.65
C ASP A 200 20.05 31.77 -3.10
N VAL A 201 19.87 31.76 -1.77
CA VAL A 201 18.82 32.59 -1.16
C VAL A 201 19.06 34.06 -1.57
N ILE A 202 20.27 34.52 -1.33
CA ILE A 202 20.76 35.81 -1.78
C ILE A 202 21.42 35.77 -3.15
N PRO A 203 20.78 36.42 -4.14
CA PRO A 203 21.29 36.50 -5.49
C PRO A 203 22.55 37.33 -5.61
N SER A 204 23.38 36.99 -6.61
CA SER A 204 24.64 37.68 -6.82
C SER A 204 24.43 39.19 -6.80
N GLU A 205 25.40 39.91 -6.24
CA GLU A 205 25.38 41.37 -6.24
C GLU A 205 24.11 41.93 -5.60
N ALA A 206 23.91 41.63 -4.33
CA ALA A 206 22.75 42.12 -3.58
C ALA A 206 23.26 42.59 -2.20
N ILE A 207 24.51 42.22 -1.94
CA ILE A 207 25.23 42.58 -0.72
C ILE A 207 26.61 43.13 -1.11
N ASN A 208 26.90 44.34 -0.68
CA ASN A 208 28.21 44.95 -0.93
C ASN A 208 28.74 45.58 0.36
N GLU A 209 29.64 46.54 0.22
CA GLU A 209 30.25 47.26 1.31
C GLU A 209 29.31 48.16 2.07
N LEU A 210 28.19 48.57 1.49
CA LEU A 210 27.18 49.40 2.06
C LEU A 210 25.93 48.72 2.56
N THR A 211 25.87 47.38 2.61
CA THR A 211 24.70 46.75 3.23
C THR A 211 24.91 46.79 4.75
N VAL A 212 23.80 47.01 5.45
CA VAL A 212 23.80 47.09 6.90
C VAL A 212 23.16 45.85 7.53
N LEU A 213 21.89 45.65 7.22
CA LEU A 213 21.08 44.58 7.80
C LEU A 213 20.36 43.78 6.72
N VAL A 214 20.63 42.49 6.66
CA VAL A 214 19.95 41.59 5.71
C VAL A 214 19.14 40.56 6.50
N LEU A 215 17.83 40.49 6.23
CA LEU A 215 17.02 39.44 6.85
C LEU A 215 16.85 38.27 5.88
N VAL A 216 17.13 37.07 6.36
CA VAL A 216 16.99 35.85 5.53
C VAL A 216 16.14 34.84 6.26
N ASN A 217 15.23 34.19 5.54
CA ASN A 217 14.34 33.21 6.13
C ASN A 217 13.77 32.20 5.12
N THR A 218 13.62 30.97 5.63
CA THR A 218 13.04 29.89 4.87
C THR A 218 12.62 28.71 5.74
N ILE A 219 11.69 27.90 5.21
CA ILE A 219 11.28 26.67 5.85
C ILE A 219 11.57 25.47 4.94
N TYR A 220 12.23 24.47 5.48
CA TYR A 220 12.48 23.23 4.71
C TYR A 220 11.50 22.14 5.12
N PHE A 221 10.93 21.45 4.15
CA PHE A 221 10.00 20.35 4.44
C PHE A 221 10.30 19.11 3.62
N LYS A 222 10.22 17.95 4.26
CA LYS A 222 10.29 16.67 3.55
C LYS A 222 9.24 15.73 4.14
N GLY A 223 8.34 15.23 3.31
CA GLY A 223 7.30 14.33 3.84
C GLY A 223 6.93 13.27 2.84
N LEU A 224 6.41 12.15 3.34
CA LEU A 224 6.01 11.04 2.45
C LEU A 224 4.49 11.01 2.34
N TRP A 225 3.98 10.82 1.13
CA TRP A 225 2.48 10.74 1.05
C TRP A 225 2.08 9.64 2.04
N LYS A 226 0.88 9.76 2.63
CA LYS A 226 0.34 8.66 3.44
C LYS A 226 -0.09 7.52 2.50
N SER A 227 -0.59 7.89 1.34
CA SER A 227 -1.06 6.99 0.31
C SER A 227 -0.36 7.27 -1.02
N LYS A 228 0.81 6.66 -1.21
CA LYS A 228 1.63 6.86 -2.39
C LYS A 228 0.96 6.57 -3.72
N PHE A 229 1.52 7.10 -4.79
CA PHE A 229 1.00 6.83 -6.14
C PHE A 229 1.96 5.73 -6.69
N SER A 230 1.60 5.11 -7.78
CA SER A 230 2.55 4.15 -8.37
C SER A 230 3.20 4.85 -9.56
N PRO A 231 4.54 4.83 -9.60
CA PRO A 231 5.29 5.25 -10.77
C PRO A 231 4.79 4.50 -12.00
N GLU A 232 4.58 3.18 -11.92
CA GLU A 232 3.86 2.41 -12.88
C GLU A 232 2.59 2.94 -13.44
N ASN A 233 1.67 3.60 -12.73
CA ASN A 233 0.47 4.14 -13.35
C ASN A 233 0.60 5.53 -13.93
N THR A 234 1.75 6.18 -13.87
CA THR A 234 1.92 7.56 -14.31
C THR A 234 2.07 7.69 -15.81
N ARG A 235 1.17 8.42 -16.47
CA ARG A 235 1.22 8.55 -17.92
C ARG A 235 1.26 9.96 -18.46
N LYS A 236 2.21 10.26 -19.36
CA LYS A 236 2.26 11.56 -20.02
C LYS A 236 0.86 11.92 -20.56
N GLU A 237 0.33 13.02 -20.10
CA GLU A 237 -1.03 13.45 -20.46
C GLU A 237 -1.04 14.98 -20.54
N LEU A 238 -1.90 15.53 -21.39
CA LEU A 238 -2.04 16.94 -21.61
C LEU A 238 -2.52 17.73 -20.39
N PHE A 239 -1.74 18.73 -20.05
CA PHE A 239 -2.15 19.73 -19.05
C PHE A 239 -2.57 21.01 -19.78
N TYR A 240 -3.76 21.52 -19.52
CA TYR A 240 -4.27 22.71 -20.19
C TYR A 240 -4.02 24.01 -19.45
N LYS A 241 -3.09 24.82 -19.98
CA LYS A 241 -2.67 26.08 -19.43
C LYS A 241 -3.67 27.21 -19.40
N ALA A 242 -3.28 28.39 -18.88
CA ALA A 242 -4.19 29.54 -18.78
C ALA A 242 -4.33 30.28 -20.10
N ASP A 243 -3.32 30.17 -20.95
CA ASP A 243 -3.28 30.72 -22.27
C ASP A 243 -3.85 29.86 -23.38
N GLY A 244 -4.89 29.07 -23.18
CA GLY A 244 -5.55 28.22 -24.12
C GLY A 244 -4.75 27.19 -24.88
N GLU A 245 -3.66 26.68 -24.32
CA GLU A 245 -2.78 25.72 -24.96
C GLU A 245 -2.44 24.50 -24.12
N SER A 246 -2.53 23.32 -24.73
CA SER A 246 -2.18 22.07 -24.06
C SER A 246 -0.68 22.01 -23.77
N CYS A 247 -0.26 20.92 -23.14
CA CYS A 247 1.12 20.82 -22.61
C CYS A 247 1.34 19.40 -22.06
N SER A 248 2.49 18.80 -22.30
CA SER A 248 2.75 17.44 -21.89
C SER A 248 3.16 17.32 -20.43
N ALA A 249 2.24 16.87 -19.59
CA ALA A 249 2.55 16.70 -18.17
C ALA A 249 2.59 15.22 -17.79
N SER A 250 3.39 14.89 -16.78
CA SER A 250 3.46 13.60 -16.15
C SER A 250 2.39 13.43 -15.05
N MET A 251 1.21 12.99 -15.51
CA MET A 251 0.09 12.78 -14.62
C MET A 251 0.25 11.49 -13.82
N MET A 252 -0.06 11.57 -12.53
CA MET A 252 0.01 10.43 -11.62
C MET A 252 -1.42 9.95 -11.41
N TYR A 253 -1.61 8.71 -10.98
CA TYR A 253 -2.96 8.16 -10.88
C TYR A 253 -3.12 7.26 -9.67
N GLN A 254 -4.27 7.37 -8.99
CA GLN A 254 -4.57 6.50 -7.87
C GLN A 254 -6.04 6.55 -7.49
N GLU A 255 -6.52 5.48 -6.85
CA GLU A 255 -7.83 5.51 -6.20
C GLU A 255 -7.63 5.36 -4.69
N GLY A 256 -8.52 5.98 -3.92
CA GLY A 256 -8.39 5.89 -2.48
C GLY A 256 -9.37 6.76 -1.72
N LYS A 257 -9.25 6.68 -0.41
CA LYS A 257 -10.10 7.41 0.53
C LYS A 257 -9.41 8.75 0.84
N PHE A 258 -9.96 9.86 0.34
CA PHE A 258 -9.40 11.17 0.64
C PHE A 258 -10.49 12.11 1.14
N ARG A 259 -10.11 13.10 1.95
CA ARG A 259 -11.13 14.13 2.32
C ARG A 259 -11.32 15.05 1.13
N TYR A 260 -12.56 15.22 0.69
CA TYR A 260 -12.84 15.98 -0.54
C TYR A 260 -14.21 16.63 -0.44
N ARG A 261 -14.46 17.67 -1.24
CA ARG A 261 -15.77 18.26 -1.38
C ARG A 261 -15.85 19.16 -2.62
N ARG A 262 -16.99 19.09 -3.31
CA ARG A 262 -17.26 20.01 -4.41
C ARG A 262 -17.95 21.25 -3.81
N VAL A 263 -17.29 22.40 -3.94
CA VAL A 263 -17.80 23.61 -3.30
C VAL A 263 -18.44 24.56 -4.30
N ALA A 264 -18.64 25.80 -3.89
CA ALA A 264 -19.28 26.84 -4.68
C ALA A 264 -18.84 26.84 -6.13
N GLU A 265 -19.80 26.87 -7.05
CA GLU A 265 -19.48 26.96 -8.48
C GLU A 265 -18.46 25.95 -8.96
N GLY A 266 -18.60 24.67 -8.64
CA GLY A 266 -17.80 23.59 -9.11
C GLY A 266 -16.38 23.41 -8.65
N THR A 267 -15.88 24.23 -7.72
CA THR A 267 -14.50 24.07 -7.27
C THR A 267 -14.35 22.79 -6.47
N GLN A 268 -13.34 21.99 -6.82
CA GLN A 268 -13.05 20.76 -6.11
C GLN A 268 -11.90 20.97 -5.14
N VAL A 269 -12.12 20.65 -3.88
CA VAL A 269 -11.10 20.76 -2.85
C VAL A 269 -10.72 19.34 -2.42
N LEU A 270 -9.43 19.04 -2.32
CA LEU A 270 -8.94 17.71 -2.05
C LEU A 270 -7.81 17.74 -1.02
N GLU A 271 -7.85 16.84 -0.05
CA GLU A 271 -6.81 16.80 0.96
C GLU A 271 -5.99 15.53 0.91
N LEU A 272 -4.70 15.66 0.69
CA LEU A 272 -3.80 14.52 0.56
C LEU A 272 -2.79 14.59 1.72
N PRO A 273 -3.03 13.83 2.78
CA PRO A 273 -2.24 13.90 3.98
C PRO A 273 -0.87 13.24 3.87
N PHE A 274 0.08 13.72 4.65
CA PHE A 274 1.43 13.16 4.66
C PHE A 274 1.55 12.17 5.82
N LYS A 275 2.56 11.30 5.78
CA LYS A 275 2.72 10.33 6.86
C LYS A 275 2.73 11.06 8.19
N GLY A 276 1.91 10.62 9.14
CA GLY A 276 1.79 11.29 10.43
C GLY A 276 0.42 11.92 10.57
N ASP A 277 -0.10 12.52 9.49
CA ASP A 277 -1.39 13.13 9.44
C ASP A 277 -1.42 14.61 9.82
N ASP A 278 -0.38 15.09 10.45
CA ASP A 278 -0.18 16.40 10.98
C ASP A 278 -0.06 17.45 9.90
N ILE A 279 0.74 17.14 8.89
CA ILE A 279 0.92 18.04 7.74
C ILE A 279 0.23 17.42 6.52
N THR A 280 -0.58 18.18 5.79
CA THR A 280 -1.28 17.71 4.62
C THR A 280 -1.12 18.70 3.44
N MET A 281 -1.47 18.21 2.25
CA MET A 281 -1.50 19.08 1.08
C MET A 281 -2.93 19.25 0.58
N VAL A 282 -3.52 20.43 0.71
CA VAL A 282 -4.86 20.67 0.18
C VAL A 282 -4.74 21.21 -1.25
N LEU A 283 -5.60 20.76 -2.16
CA LEU A 283 -5.62 21.21 -3.54
C LEU A 283 -6.93 21.92 -3.89
N ILE A 284 -6.84 23.15 -4.40
CA ILE A 284 -8.04 23.84 -4.87
C ILE A 284 -8.02 23.80 -6.41
N LEU A 285 -9.05 23.21 -6.99
CA LEU A 285 -9.06 23.06 -8.45
C LEU A 285 -10.46 23.43 -8.96
N PRO A 286 -10.50 24.44 -9.82
CA PRO A 286 -11.76 25.01 -10.29
C PRO A 286 -12.27 24.34 -11.55
N LYS A 287 -13.59 24.44 -11.77
CA LYS A 287 -14.18 23.87 -12.98
C LYS A 287 -13.44 24.41 -14.18
N PRO A 288 -13.52 23.68 -15.30
CA PRO A 288 -12.84 24.05 -16.54
C PRO A 288 -13.25 25.43 -17.05
N GLU A 289 -14.54 25.70 -16.98
CA GLU A 289 -15.14 26.99 -17.22
C GLU A 289 -14.65 28.11 -16.31
N LYS A 290 -14.64 27.94 -14.98
CA LYS A 290 -14.14 29.00 -14.11
C LYS A 290 -12.63 29.15 -14.19
N SER A 291 -12.13 30.29 -13.78
CA SER A 291 -10.73 30.66 -13.87
C SER A 291 -10.03 30.59 -12.53
N LEU A 292 -8.84 29.98 -12.53
CA LEU A 292 -8.02 29.95 -11.31
C LEU A 292 -7.88 31.36 -10.77
N ALA A 293 -7.38 32.31 -11.57
CA ALA A 293 -7.42 33.73 -11.33
C ALA A 293 -8.69 34.20 -10.63
N LYS A 294 -9.87 33.95 -11.18
CA LYS A 294 -11.13 34.21 -10.51
C LYS A 294 -11.21 33.58 -9.13
N VAL A 295 -10.85 32.31 -8.95
CA VAL A 295 -10.81 31.72 -7.60
C VAL A 295 -9.83 32.44 -6.72
N GLU A 296 -8.63 32.76 -7.20
CA GLU A 296 -7.61 33.46 -6.45
C GLU A 296 -8.11 34.74 -5.79
N LYS A 297 -8.79 35.60 -6.55
CA LYS A 297 -9.39 36.81 -6.05
C LYS A 297 -10.45 36.63 -5.00
N GLU A 298 -11.22 35.55 -4.97
CA GLU A 298 -12.20 35.27 -3.96
C GLU A 298 -11.70 34.60 -2.70
N LEU A 299 -10.44 34.19 -2.64
CA LEU A 299 -9.86 33.59 -1.46
C LEU A 299 -10.00 34.45 -0.21
N THR A 300 -10.55 33.87 0.84
CA THR A 300 -10.61 34.52 2.17
C THR A 300 -10.29 33.39 3.14
N PRO A 301 -9.66 33.69 4.27
CA PRO A 301 -9.38 32.72 5.30
C PRO A 301 -10.59 32.06 5.92
N GLU A 302 -11.74 32.71 5.98
CA GLU A 302 -13.03 32.20 6.37
C GLU A 302 -13.64 31.36 5.24
N VAL A 303 -13.42 31.81 4.01
CA VAL A 303 -13.89 31.07 2.83
C VAL A 303 -13.20 29.73 2.77
N LEU A 304 -11.87 29.72 2.93
CA LEU A 304 -11.06 28.53 3.00
C LEU A 304 -11.43 27.64 4.18
N GLN A 305 -11.60 28.22 5.36
CA GLN A 305 -12.01 27.53 6.56
C GLN A 305 -13.33 26.82 6.48
N GLU A 306 -14.34 27.34 5.78
CA GLU A 306 -15.57 26.61 5.52
C GLU A 306 -15.34 25.45 4.55
N TRP A 307 -14.49 25.64 3.55
CA TRP A 307 -14.16 24.58 2.61
C TRP A 307 -13.65 23.32 3.29
N LEU A 308 -12.62 23.42 4.13
CA LEU A 308 -12.18 22.30 4.95
C LEU A 308 -13.29 21.66 5.76
N ASP A 309 -14.12 22.46 6.43
CA ASP A 309 -15.29 22.02 7.15
C ASP A 309 -16.37 21.35 6.35
N GLU A 310 -16.45 21.51 5.04
CA GLU A 310 -17.29 20.78 4.13
C GLU A 310 -16.69 19.44 3.73
N LEU A 311 -15.38 19.23 3.90
CA LEU A 311 -14.69 18.04 3.45
C LEU A 311 -15.14 16.75 4.15
N GLU A 312 -15.09 15.62 3.42
CA GLU A 312 -15.46 14.32 3.97
C GLU A 312 -14.80 13.17 3.24
N GLU A 313 -14.33 12.16 3.99
CA GLU A 313 -13.66 11.01 3.38
C GLU A 313 -14.51 10.39 2.27
N MET A 314 -13.90 10.20 1.10
CA MET A 314 -14.60 9.57 -0.01
C MET A 314 -13.65 8.74 -0.87
N MET A 315 -14.20 7.65 -1.41
CA MET A 315 -13.43 6.78 -2.30
C MET A 315 -13.50 7.38 -3.71
N LEU A 316 -12.41 8.03 -4.13
CA LEU A 316 -12.49 8.68 -5.43
C LEU A 316 -11.26 8.38 -6.28
N VAL A 317 -11.32 8.80 -7.52
CA VAL A 317 -10.17 8.68 -8.43
C VAL A 317 -9.41 10.01 -8.40
N VAL A 318 -8.11 9.96 -8.19
CA VAL A 318 -7.30 11.17 -8.21
C VAL A 318 -6.33 11.08 -9.39
N HIS A 319 -6.30 12.09 -10.24
CA HIS A 319 -5.22 12.29 -11.21
C HIS A 319 -4.56 13.64 -10.81
N MET A 320 -3.23 13.65 -10.85
CA MET A 320 -2.51 14.85 -10.40
C MET A 320 -1.07 14.83 -10.86
N PRO A 321 -0.62 15.94 -11.47
CA PRO A 321 0.66 16.01 -12.14
C PRO A 321 1.82 16.06 -11.17
N ARG A 322 2.99 15.53 -11.53
CA ARG A 322 4.17 15.75 -10.66
C ARG A 322 4.65 17.18 -11.01
N PHE A 323 5.41 17.77 -10.09
CA PHE A 323 5.77 19.18 -10.24
C PHE A 323 6.89 19.61 -9.33
N ARG A 324 7.74 20.47 -9.87
CA ARG A 324 8.93 20.99 -9.19
C ARG A 324 8.87 22.53 -9.30
N ILE A 325 8.80 23.22 -8.17
CA ILE A 325 8.76 24.67 -8.20
C ILE A 325 9.85 25.23 -7.26
N GLU A 326 10.66 26.12 -7.79
CA GLU A 326 11.56 26.92 -6.97
C GLU A 326 11.19 28.40 -7.14
N ASP A 327 10.98 29.06 -6.01
CA ASP A 327 10.71 30.48 -5.98
C ASP A 327 11.64 31.18 -4.97
N GLY A 328 12.26 32.25 -5.43
CA GLY A 328 13.15 33.08 -4.63
C GLY A 328 12.65 34.51 -4.60
N PHE A 329 12.67 35.10 -3.39
CA PHE A 329 12.03 36.37 -3.11
C PHE A 329 12.95 37.43 -2.48
N SER A 330 12.85 38.63 -3.03
CA SER A 330 13.33 39.87 -2.42
C SER A 330 12.06 40.55 -1.88
N LEU A 331 11.91 40.59 -0.57
CA LEU A 331 10.68 41.05 0.03
C LEU A 331 10.50 42.54 0.13
N LYS A 332 11.61 43.28 0.17
CA LYS A 332 11.64 44.72 0.18
C LYS A 332 10.48 45.37 -0.55
N GLU A 333 10.44 45.27 -1.88
CA GLU A 333 9.42 45.90 -2.67
C GLU A 333 8.00 45.66 -2.24
N GLN A 334 7.55 44.40 -2.17
CA GLN A 334 6.15 44.09 -1.91
C GLN A 334 5.64 44.56 -0.56
N LEU A 335 6.37 44.23 0.50
CA LEU A 335 6.00 44.62 1.85
C LEU A 335 5.86 46.13 1.99
N GLN A 336 6.89 46.85 1.59
CA GLN A 336 6.91 48.30 1.38
C GLN A 336 5.62 48.83 0.77
N ASP A 337 5.25 48.32 -0.41
CA ASP A 337 4.04 48.56 -1.12
C ASP A 337 2.75 48.23 -0.41
N MET A 338 2.76 47.33 0.57
CA MET A 338 1.64 46.93 1.38
C MET A 338 1.50 47.73 2.67
N GLY A 339 2.46 48.62 2.95
CA GLY A 339 2.39 49.47 4.12
C GLY A 339 3.60 49.36 5.02
N LEU A 340 4.56 48.50 4.70
CA LEU A 340 5.73 48.32 5.57
C LEU A 340 6.92 49.13 5.05
N VAL A 341 6.88 50.44 5.29
CA VAL A 341 7.83 51.37 4.73
C VAL A 341 8.95 51.78 5.65
N ASP A 342 8.62 52.11 6.90
CA ASP A 342 9.56 52.60 7.88
C ASP A 342 10.72 51.69 8.22
N LEU A 343 10.56 50.38 8.10
CA LEU A 343 11.57 49.39 8.39
C LEU A 343 12.71 49.37 7.40
N PHE A 344 12.48 49.78 6.16
CA PHE A 344 13.53 49.82 5.16
C PHE A 344 14.14 51.21 4.97
N SER A 345 13.44 52.25 5.39
CA SER A 345 13.87 53.63 5.18
C SER A 345 14.83 54.10 6.25
N PRO A 346 16.04 54.50 5.84
CA PRO A 346 17.11 54.93 6.70
C PRO A 346 16.85 56.04 7.69
N GLU A 347 16.02 57.02 7.35
CA GLU A 347 15.64 58.10 8.22
C GLU A 347 14.47 57.72 9.11
N LYS A 348 13.46 57.05 8.56
CA LYS A 348 12.29 56.62 9.31
C LYS A 348 12.48 55.42 10.19
N SER A 349 13.44 54.54 9.87
CA SER A 349 13.67 53.32 10.61
C SER A 349 13.95 53.53 12.08
N LYS A 350 13.06 53.01 12.93
CA LYS A 350 13.35 53.03 14.36
C LYS A 350 13.57 51.61 14.86
N LEU A 351 14.82 51.22 15.09
CA LEU A 351 15.17 49.95 15.67
C LEU A 351 16.11 50.08 16.85
N PRO A 352 15.57 50.40 18.05
CA PRO A 352 16.33 50.48 19.27
C PRO A 352 17.15 49.27 19.61
N GLY A 353 16.68 48.05 19.35
CA GLY A 353 17.44 46.84 19.49
C GLY A 353 18.86 46.93 18.91
N ILE A 354 18.97 47.31 17.64
CA ILE A 354 20.31 47.43 17.05
C ILE A 354 20.97 48.75 17.38
N VAL A 355 22.29 48.73 17.55
CA VAL A 355 23.09 49.92 17.88
C VAL A 355 24.44 49.86 17.18
N ALA A 356 25.08 51.00 16.93
CA ALA A 356 26.38 51.05 16.26
C ALA A 356 26.97 52.46 16.27
N GLU A 357 28.28 52.57 16.36
CA GLU A 357 29.00 53.82 16.43
C GLU A 357 28.78 54.79 15.29
N GLY A 358 28.28 55.99 15.61
CA GLY A 358 28.04 57.05 14.66
C GLY A 358 27.03 56.68 13.58
N ARG A 359 25.97 55.97 13.97
CA ARG A 359 24.96 55.46 13.09
C ARG A 359 23.63 55.42 13.86
N ASP A 360 22.78 56.39 13.52
CA ASP A 360 21.40 56.41 13.98
C ASP A 360 20.53 55.82 12.85
N ASP A 361 21.15 55.71 11.69
CA ASP A 361 20.67 55.20 10.45
C ASP A 361 20.14 53.78 10.45
N LEU A 362 20.68 52.84 11.19
CA LEU A 362 20.19 51.48 11.27
C LEU A 362 18.76 51.24 10.84
N TYR A 363 18.63 50.60 9.70
CA TYR A 363 17.44 50.29 8.95
C TYR A 363 17.62 48.88 8.35
N VAL A 364 16.64 48.37 7.63
CA VAL A 364 16.79 47.01 7.06
C VAL A 364 17.09 47.12 5.58
N SER A 365 18.29 46.68 5.19
CA SER A 365 18.69 46.76 3.78
C SER A 365 17.70 46.00 2.90
N ASP A 366 17.81 44.67 2.94
CA ASP A 366 16.93 43.78 2.20
C ASP A 366 16.52 42.59 3.08
N ALA A 367 15.44 41.95 2.65
CA ALA A 367 14.91 40.74 3.25
C ALA A 367 14.66 39.69 2.17
N PHE A 368 15.43 38.60 2.24
CA PHE A 368 15.34 37.53 1.27
C PHE A 368 14.66 36.25 1.78
N HIS A 369 13.81 35.71 0.92
CA HIS A 369 13.12 34.46 1.19
C HIS A 369 13.16 33.51 -0.01
N LYS A 370 13.38 32.22 0.28
CA LYS A 370 13.33 31.19 -0.73
C LYS A 370 12.57 29.95 -0.30
N ALA A 371 11.96 29.26 -1.28
CA ALA A 371 11.18 28.06 -1.00
C ALA A 371 11.18 27.11 -2.20
N PHE A 372 11.28 25.80 -1.93
CA PHE A 372 11.19 24.81 -2.99
C PHE A 372 10.11 23.77 -2.71
N LEU A 373 9.94 22.89 -3.68
CA LEU A 373 8.89 21.86 -3.65
C LEU A 373 9.11 20.89 -4.82
N GLU A 374 9.36 19.65 -4.47
CA GLU A 374 9.56 18.56 -5.43
C GLU A 374 8.44 17.53 -5.18
N VAL A 375 7.36 17.62 -5.93
CA VAL A 375 6.19 16.79 -5.69
C VAL A 375 6.06 15.65 -6.70
N ASN A 376 6.09 14.43 -6.17
CA ASN A 376 5.95 13.23 -6.97
C ASN A 376 5.14 12.14 -6.29
N GLU A 377 5.34 10.90 -6.76
CA GLU A 377 4.68 9.72 -6.33
C GLU A 377 4.95 9.25 -4.91
N GLU A 378 6.07 9.59 -4.30
CA GLU A 378 6.38 9.23 -2.92
C GLU A 378 5.93 10.31 -1.93
N GLY A 379 5.64 11.49 -2.47
CA GLY A 379 5.27 12.65 -1.69
C GLY A 379 6.06 13.87 -2.08
C1 CYF A 380 17.56 12.29 -0.48
O1 CYF A 380 18.15 11.36 0.10
C2 CYF A 380 18.05 12.70 -1.70
C3 CYF A 380 17.42 13.74 -2.38
O2 CYF A 380 18.03 14.07 -3.65
C4 CYF A 380 17.35 15.12 -4.25
C5 CYF A 380 17.91 15.46 -5.46
C6 CYF A 380 17.36 16.48 -6.21
O3 CYF A 380 17.85 16.81 -7.30
C7 CYF A 380 16.23 17.14 -5.74
C8 CYF A 380 15.67 16.79 -4.53
C9 CYF A 380 16.21 15.78 -3.78
C10 CYF A 380 15.69 15.42 -2.55
C11 CYF A 380 16.29 14.37 -1.84
C12 CYF A 380 15.79 13.92 -0.60
C13 CYF A 380 16.43 12.89 0.07
C14 CYF A 380 14.69 16.17 -1.90
C15 CYF A 380 13.46 16.26 -2.53
C16 CYF A 380 12.41 16.97 -1.97
C17 CYF A 380 12.55 17.62 -0.73
C18 CYF A 380 13.75 17.55 -0.08
C19 CYF A 380 14.85 16.84 -0.63
C20 CYF A 380 16.03 16.84 0.11
O4 CYF A 380 17.05 16.25 -0.31
O5 CYF A 380 16.10 17.45 1.21
NL CYF A 380 11.37 18.15 -0.24
CL CYF A 380 10.37 18.64 -1.01
OL CYF A 380 10.38 18.69 -2.24
CAL CYF A 380 9.09 19.10 -0.37
SG CYF A 380 7.31 18.62 -0.58
CB CYF A 380 6.61 16.94 -0.27
CA CYF A 380 7.22 15.86 -1.17
N CYF A 380 6.38 14.65 -1.04
O CYF A 380 9.01 15.74 0.45
C CYF A 380 8.61 15.43 -0.67
N GLU A 381 9.26 14.65 -1.51
CA GLU A 381 10.39 13.80 -1.19
C GLU A 381 11.15 13.41 -2.48
N ALA A 382 12.25 12.68 -2.30
CA ALA A 382 13.03 12.20 -3.46
C ALA A 382 12.18 11.24 -4.28
N ALA A 383 12.35 11.24 -5.60
CA ALA A 383 11.66 10.25 -6.44
C ALA A 383 12.25 8.85 -6.22
N ALA A 384 11.39 7.83 -6.31
CA ALA A 384 11.84 6.45 -6.09
C ALA A 384 11.18 5.48 -7.07
N SER A 385 11.84 4.33 -7.30
CA SER A 385 11.22 3.29 -8.09
C SER A 385 10.57 2.24 -7.20
N THR A 386 9.27 2.46 -7.02
CA THR A 386 8.40 1.66 -6.15
C THR A 386 7.17 1.30 -6.98
N ALA A 387 6.44 0.28 -6.59
CA ALA A 387 5.15 -0.02 -7.25
C ALA A 387 4.12 -0.23 -6.14
N VAL A 388 2.85 -0.30 -6.47
CA VAL A 388 1.79 -0.47 -5.49
C VAL A 388 0.84 -1.57 -5.98
N VAL A 389 0.75 -2.65 -5.20
CA VAL A 389 -0.18 -3.74 -5.46
C VAL A 389 -1.36 -3.74 -4.49
N ILE A 390 -2.57 -3.71 -5.04
CA ILE A 390 -3.82 -3.66 -4.29
C ILE A 390 -4.74 -4.82 -4.72
N ALA A 391 -5.01 -5.76 -3.82
CA ALA A 391 -5.76 -6.96 -4.17
C ALA A 391 -7.12 -7.09 -3.54
N GLY A 392 -8.11 -7.55 -4.32
CA GLY A 392 -9.45 -7.77 -3.80
C GLY A 392 -10.13 -6.48 -3.37
N ARG A 393 -10.18 -5.51 -4.28
CA ARG A 393 -10.84 -4.25 -4.08
C ARG A 393 -11.81 -3.99 -5.25
N SER A 394 -13.00 -3.54 -4.90
CA SER A 394 -14.00 -3.20 -5.93
C SER A 394 -14.81 -1.99 -5.47
N LEU A 395 -14.57 -0.85 -6.11
CA LEU A 395 -15.20 0.39 -5.68
C LEU A 395 -16.42 0.74 -6.49
N ASN A 396 -17.29 1.56 -5.89
CA ASN A 396 -18.51 1.96 -6.59
C ASN A 396 -18.12 2.42 -8.00
N PRO A 397 -18.89 1.96 -8.99
CA PRO A 397 -18.70 2.38 -10.37
C PRO A 397 -18.88 3.87 -10.57
N ASN A 398 -19.84 4.51 -9.90
CA ASN A 398 -20.13 5.91 -10.01
C ASN A 398 -19.38 6.83 -9.05
N ARG A 399 -18.06 6.72 -8.99
CA ARG A 399 -17.27 7.48 -8.03
C ARG A 399 -16.65 8.72 -8.65
N VAL A 400 -16.39 9.71 -7.79
CA VAL A 400 -15.87 11.01 -8.20
C VAL A 400 -14.46 10.98 -8.75
N THR A 401 -14.24 11.80 -9.80
CA THR A 401 -12.92 11.93 -10.37
C THR A 401 -12.34 13.32 -10.11
N PHE A 402 -11.10 13.37 -9.66
CA PHE A 402 -10.39 14.62 -9.48
C PHE A 402 -9.19 14.62 -10.44
N LYS A 403 -9.37 15.31 -11.56
CA LYS A 403 -8.35 15.36 -12.60
C LYS A 403 -7.80 16.78 -12.70
N ALA A 404 -6.59 16.97 -12.19
CA ALA A 404 -5.95 18.27 -12.18
C ALA A 404 -5.07 18.43 -13.41
N ASN A 405 -5.71 18.76 -14.54
CA ASN A 405 -4.96 18.96 -15.79
C ASN A 405 -5.21 20.38 -16.29
N ARG A 406 -5.15 21.28 -15.32
CA ARG A 406 -5.47 22.69 -15.46
C ARG A 406 -5.17 23.37 -14.12
N PRO A 407 -4.67 24.60 -14.20
CA PRO A 407 -4.07 25.26 -13.04
C PRO A 407 -4.89 25.10 -11.79
N PHE A 408 -4.22 24.85 -10.68
CA PHE A 408 -4.87 24.66 -9.39
C PHE A 408 -4.01 25.24 -8.26
N LEU A 409 -4.65 25.54 -7.13
CA LEU A 409 -3.97 26.10 -5.97
C LEU A 409 -3.37 25.01 -5.10
N VAL A 410 -2.24 25.30 -4.46
CA VAL A 410 -1.57 24.33 -3.61
C VAL A 410 -1.40 24.88 -2.18
N PHE A 411 -1.83 24.15 -1.17
CA PHE A 411 -1.56 24.56 0.22
C PHE A 411 -0.91 23.38 0.96
N ILE A 412 0.08 23.66 1.79
CA ILE A 412 0.65 22.67 2.69
C ILE A 412 0.45 23.18 4.13
N ARG A 413 -0.61 22.69 4.76
CA ARG A 413 -0.94 23.10 6.12
C ARG A 413 -0.56 22.12 7.21
N GLU A 414 -0.37 22.67 8.40
CA GLU A 414 -0.14 21.90 9.62
C GLU A 414 -1.51 21.88 10.34
N VAL A 415 -2.06 20.69 10.56
CA VAL A 415 -3.43 20.52 10.95
C VAL A 415 -3.79 20.87 12.36
N PRO A 416 -3.10 20.32 13.35
CA PRO A 416 -3.36 20.61 14.76
C PRO A 416 -3.23 22.09 15.05
N LEU A 417 -2.20 22.78 14.56
CA LEU A 417 -2.05 24.21 14.69
C LEU A 417 -2.87 25.07 13.76
N ASN A 418 -3.47 24.54 12.69
CA ASN A 418 -4.30 25.35 11.79
C ASN A 418 -3.48 26.43 11.08
N THR A 419 -2.26 26.09 10.63
CA THR A 419 -1.37 27.04 10.03
C THR A 419 -1.01 26.64 8.60
N ILE A 420 -0.92 27.64 7.74
CA ILE A 420 -0.54 27.40 6.34
C ILE A 420 0.98 27.39 6.28
N ILE A 421 1.59 26.23 6.03
CA ILE A 421 3.06 26.27 5.92
C ILE A 421 3.48 26.92 4.62
N PHE A 422 2.95 26.44 3.50
CA PHE A 422 3.33 26.92 2.18
C PHE A 422 2.06 27.13 1.35
N MET A 423 2.06 28.14 0.48
CA MET A 423 0.96 28.31 -0.46
C MET A 423 1.56 28.46 -1.85
N GLY A 424 0.76 28.19 -2.88
CA GLY A 424 1.33 28.21 -4.22
C GLY A 424 0.27 27.98 -5.29
N ARG A 425 0.77 28.05 -6.52
CA ARG A 425 -0.03 27.87 -7.70
C ARG A 425 0.71 26.96 -8.70
N VAL A 426 -0.05 26.04 -9.29
CA VAL A 426 0.56 25.15 -10.30
C VAL A 426 -0.16 25.45 -11.62
N ALA A 427 0.52 26.19 -12.48
CA ALA A 427 -0.11 26.63 -13.73
C ALA A 427 0.72 26.16 -14.92
N ASN A 428 1.75 25.38 -14.63
CA ASN A 428 2.59 24.81 -15.67
C ASN A 428 3.60 23.83 -15.07
N PRO A 429 3.16 22.57 -14.97
CA PRO A 429 3.94 21.51 -14.34
C PRO A 429 4.75 20.72 -15.36
N CYS A 430 4.50 20.92 -16.64
CA CYS A 430 5.17 20.20 -17.70
C CYS A 430 6.64 20.54 -17.89
N VAL A 431 7.24 19.86 -18.89
CA VAL A 431 8.55 20.17 -19.41
C VAL A 431 8.44 20.43 -20.93
N ILE B 7 9.18 -46.15 2.86
CA ILE B 7 10.25 -45.28 3.41
C ILE B 7 10.79 -44.35 2.33
N CYS B 8 11.34 -43.23 2.76
CA CYS B 8 11.88 -42.18 1.92
C CYS B 8 13.31 -42.44 1.50
N THR B 9 14.06 -43.00 2.45
CA THR B 9 15.44 -43.38 2.25
C THR B 9 15.50 -44.80 1.68
N ALA B 10 15.42 -44.91 0.35
CA ALA B 10 15.34 -46.22 -0.31
C ALA B 10 15.69 -46.10 -1.79
N LYS B 11 16.01 -47.23 -2.42
CA LYS B 11 16.32 -47.21 -3.86
C LYS B 11 15.15 -47.74 -4.67
N PRO B 12 15.16 -47.49 -5.99
CA PRO B 12 14.10 -47.88 -6.88
C PRO B 12 13.75 -49.35 -6.82
N ARG B 13 14.74 -50.23 -6.94
CA ARG B 13 14.56 -51.66 -6.83
C ARG B 13 14.31 -52.15 -5.41
N ASP B 14 14.89 -51.49 -4.41
CA ASP B 14 14.74 -51.84 -3.01
C ASP B 14 13.30 -52.10 -2.59
N ILE B 15 12.40 -51.13 -2.77
CA ILE B 15 10.98 -51.33 -2.45
C ILE B 15 10.28 -52.07 -3.58
N PRO B 16 9.79 -53.28 -3.27
CA PRO B 16 9.07 -54.11 -4.23
C PRO B 16 7.62 -53.67 -4.41
N MET B 17 7.42 -52.66 -5.26
CA MET B 17 6.14 -52.02 -5.46
C MET B 17 5.59 -52.31 -6.85
N ASN B 18 5.43 -53.60 -7.14
CA ASN B 18 4.86 -54.05 -8.40
C ASN B 18 3.43 -54.55 -8.20
N PRO B 19 2.47 -53.73 -8.62
CA PRO B 19 1.05 -54.02 -8.49
C PRO B 19 0.61 -55.06 -9.52
N MET B 20 -0.68 -55.05 -9.84
CA MET B 20 -1.26 -56.00 -10.79
C MET B 20 -0.93 -55.63 -12.22
N CYS B 21 -1.63 -54.66 -12.80
CA CYS B 21 -1.37 -54.22 -14.15
C CYS B 21 -0.13 -53.32 -14.23
N ILE B 22 0.21 -52.91 -15.43
CA ILE B 22 1.38 -52.06 -15.71
C ILE B 22 1.15 -51.42 -17.08
N TYR B 23 1.73 -50.26 -17.36
CA TYR B 23 1.52 -49.56 -18.62
C TYR B 23 2.82 -48.98 -19.18
N ARG B 24 2.93 -48.86 -20.51
CA ARG B 24 4.13 -48.39 -21.17
C ARG B 24 4.13 -46.94 -21.60
N SER B 25 5.15 -46.53 -22.36
CA SER B 25 5.29 -45.17 -22.84
N ALA B 43 20.62 -37.89 -9.20
CA ALA B 43 20.35 -38.90 -10.22
C ALA B 43 18.88 -39.31 -10.25
N THR B 44 18.39 -39.89 -9.14
CA THR B 44 16.99 -40.26 -9.02
C THR B 44 16.10 -39.10 -8.60
N ASN B 45 16.69 -38.00 -8.14
CA ASN B 45 16.02 -36.76 -7.87
C ASN B 45 15.27 -36.17 -9.04
N ARG B 46 15.74 -36.28 -10.28
CA ARG B 46 15.08 -35.87 -11.48
C ARG B 46 13.76 -36.54 -11.80
N ARG B 47 13.47 -37.73 -11.28
CA ARG B 47 12.16 -38.36 -11.31
C ARG B 47 11.13 -37.50 -10.56
N VAL B 48 11.45 -37.19 -9.30
CA VAL B 48 10.60 -36.34 -8.48
C VAL B 48 10.17 -35.08 -9.23
N TRP B 49 11.14 -34.31 -9.71
CA TRP B 49 10.93 -33.16 -10.55
C TRP B 49 10.09 -33.36 -11.78
N GLU B 50 10.20 -34.47 -12.51
CA GLU B 50 9.33 -34.76 -13.64
C GLU B 50 7.88 -34.97 -13.24
N LEU B 51 7.63 -35.55 -12.06
CA LEU B 51 6.32 -35.67 -11.48
C LEU B 51 5.71 -34.33 -11.05
N SER B 52 6.53 -33.42 -10.55
CA SER B 52 6.11 -32.05 -10.29
C SER B 52 5.63 -31.37 -11.56
N LYS B 53 6.32 -31.54 -12.69
CA LYS B 53 5.83 -30.99 -13.96
C LYS B 53 4.48 -31.59 -14.33
N ALA B 54 4.36 -32.91 -14.23
CA ALA B 54 3.13 -33.64 -14.43
C ALA B 54 1.98 -33.08 -13.61
N ASN B 55 2.17 -33.09 -12.28
CA ASN B 55 1.21 -32.58 -11.32
C ASN B 55 0.66 -31.23 -11.63
N SER B 56 1.55 -30.26 -11.89
CA SER B 56 1.23 -28.91 -12.28
C SER B 56 0.46 -28.80 -13.58
N ARG B 57 0.82 -29.60 -14.58
CA ARG B 57 0.07 -29.65 -15.83
C ARG B 57 -1.36 -30.09 -15.56
N PHE B 58 -1.54 -31.15 -14.75
CA PHE B 58 -2.85 -31.53 -14.28
C PHE B 58 -3.52 -30.35 -13.56
N ALA B 59 -2.84 -29.80 -12.56
CA ALA B 59 -3.30 -28.64 -11.81
C ALA B 59 -3.86 -27.54 -12.69
N THR B 60 -3.05 -27.05 -13.62
CA THR B 60 -3.49 -26.07 -14.61
C THR B 60 -4.75 -26.52 -15.33
N THR B 61 -4.68 -27.64 -16.05
CA THR B 61 -5.81 -28.14 -16.82
C THR B 61 -7.04 -28.39 -15.97
N PHE B 62 -6.85 -29.06 -14.81
CA PHE B 62 -7.96 -29.24 -13.90
C PHE B 62 -8.59 -27.91 -13.52
N TYR B 63 -7.80 -26.91 -13.12
CA TYR B 63 -8.24 -25.56 -12.88
C TYR B 63 -9.10 -24.97 -13.98
N GLN B 64 -8.63 -25.01 -15.24
CA GLN B 64 -9.38 -24.42 -16.34
C GLN B 64 -10.72 -25.08 -16.55
N HIS B 65 -10.78 -26.42 -16.58
CA HIS B 65 -12.06 -27.12 -16.66
C HIS B 65 -12.99 -26.75 -15.51
N LEU B 66 -12.46 -26.75 -14.27
CA LEU B 66 -13.20 -26.32 -13.12
C LEU B 66 -13.66 -24.88 -13.20
N ALA B 67 -12.78 -23.98 -13.66
CA ALA B 67 -13.16 -22.62 -13.97
C ALA B 67 -14.40 -22.57 -14.86
N ASP B 68 -14.39 -23.23 -16.02
CA ASP B 68 -15.52 -23.35 -16.91
C ASP B 68 -16.84 -23.73 -16.25
N SER B 69 -16.85 -24.68 -15.33
CA SER B 69 -17.97 -25.06 -14.51
C SER B 69 -18.52 -23.96 -13.61
N LYS B 70 -17.70 -23.01 -13.17
CA LYS B 70 -18.10 -21.93 -12.30
C LYS B 70 -18.27 -20.60 -13.03
N ASN B 71 -18.80 -19.62 -12.32
CA ASN B 71 -18.93 -18.25 -12.83
C ASN B 71 -17.58 -17.56 -12.70
N ASP B 72 -17.32 -16.47 -13.42
CA ASP B 72 -16.07 -15.75 -13.37
C ASP B 72 -15.85 -14.98 -12.07
N ASN B 73 -16.93 -14.65 -11.41
CA ASN B 73 -17.06 -13.95 -10.18
C ASN B 73 -17.19 -14.84 -8.97
N ASP B 74 -17.24 -16.17 -9.19
CA ASP B 74 -17.30 -17.10 -8.07
C ASP B 74 -15.90 -17.40 -7.56
N ASN B 75 -15.82 -17.65 -6.26
CA ASN B 75 -14.54 -18.02 -5.63
C ASN B 75 -14.15 -19.40 -6.17
N ILE B 76 -12.92 -19.81 -6.01
CA ILE B 76 -12.45 -21.14 -6.44
C ILE B 76 -11.22 -21.41 -5.55
N PHE B 77 -11.22 -22.54 -4.86
CA PHE B 77 -10.04 -22.90 -4.09
C PHE B 77 -9.90 -24.42 -4.10
N LEU B 78 -8.66 -24.89 -4.09
CA LEU B 78 -8.44 -26.32 -4.15
C LEU B 78 -6.97 -26.66 -3.94
N SER B 79 -6.72 -27.91 -3.56
CA SER B 79 -5.40 -28.50 -3.66
C SER B 79 -5.37 -29.53 -4.80
N PRO B 80 -4.70 -29.15 -5.89
CA PRO B 80 -4.49 -30.06 -7.02
C PRO B 80 -3.54 -31.18 -6.63
N LEU B 81 -2.53 -30.88 -5.81
CA LEU B 81 -1.67 -31.88 -5.21
C LEU B 81 -2.47 -32.99 -4.52
N SER B 82 -3.39 -32.59 -3.65
CA SER B 82 -4.32 -33.50 -3.01
C SER B 82 -4.96 -34.42 -4.04
N ILE B 83 -5.71 -33.90 -5.00
CA ILE B 83 -6.33 -34.69 -6.04
C ILE B 83 -5.41 -35.71 -6.68
N SER B 84 -4.31 -35.30 -7.29
CA SER B 84 -3.32 -36.22 -7.82
C SER B 84 -2.99 -37.34 -6.85
N THR B 85 -2.55 -37.02 -5.63
CA THR B 85 -2.35 -38.00 -4.59
C THR B 85 -3.47 -39.00 -4.45
N ALA B 86 -4.70 -38.59 -4.12
CA ALA B 86 -5.82 -39.52 -4.03
C ALA B 86 -6.06 -40.36 -5.27
N PHE B 87 -5.95 -39.78 -6.46
CA PHE B 87 -6.05 -40.52 -7.69
C PHE B 87 -4.89 -41.44 -7.99
N ALA B 88 -3.69 -41.16 -7.49
CA ALA B 88 -2.56 -42.08 -7.62
C ALA B 88 -2.79 -43.28 -6.70
N MET B 89 -3.22 -42.99 -5.47
CA MET B 89 -3.62 -44.02 -4.52
C MET B 89 -4.56 -45.02 -5.19
N THR B 90 -5.69 -44.54 -5.71
CA THR B 90 -6.58 -45.28 -6.59
C THR B 90 -5.88 -46.01 -7.71
N LYS B 91 -4.98 -45.37 -8.47
CA LYS B 91 -4.23 -46.03 -9.51
C LYS B 91 -3.65 -47.36 -9.14
N LEU B 92 -3.02 -47.60 -8.01
CA LEU B 92 -2.52 -48.86 -7.55
C LEU B 92 -3.31 -50.11 -7.84
N GLY B 93 -4.64 -50.14 -7.75
CA GLY B 93 -5.43 -51.29 -8.14
C GLY B 93 -6.22 -51.04 -9.43
N ALA B 94 -5.65 -50.34 -10.39
CA ALA B 94 -6.33 -50.07 -11.65
C ALA B 94 -5.75 -50.99 -12.73
N CYS B 95 -6.52 -51.20 -13.79
CA CYS B 95 -6.06 -52.01 -14.91
C CYS B 95 -6.59 -51.42 -16.22
N ASN B 96 -5.88 -51.74 -17.29
CA ASN B 96 -6.15 -51.50 -18.66
C ASN B 96 -6.52 -50.10 -19.13
N ASP B 97 -7.82 -49.92 -19.42
CA ASP B 97 -8.42 -48.70 -19.90
C ASP B 97 -8.77 -47.74 -18.76
N THR B 98 -8.60 -48.21 -17.53
CA THR B 98 -8.72 -47.44 -16.32
C THR B 98 -7.31 -47.00 -15.91
N LEU B 99 -6.37 -47.94 -15.95
CA LEU B 99 -4.98 -47.60 -15.64
C LEU B 99 -4.36 -46.63 -16.64
N GLN B 100 -4.63 -46.77 -17.93
CA GLN B 100 -4.09 -45.92 -18.97
C GLN B 100 -4.56 -44.48 -18.80
N GLN B 101 -5.88 -44.31 -18.81
CA GLN B 101 -6.54 -43.06 -18.53
C GLN B 101 -6.03 -42.37 -17.29
N LEU B 102 -5.98 -43.02 -16.13
CA LEU B 102 -5.30 -42.53 -14.95
C LEU B 102 -3.93 -41.94 -15.23
N MET B 103 -3.03 -42.62 -15.91
CA MET B 103 -1.75 -42.09 -16.30
C MET B 103 -1.81 -40.90 -17.26
N GLU B 104 -2.70 -40.95 -18.24
CA GLU B 104 -2.88 -39.86 -19.18
C GLU B 104 -3.38 -38.60 -18.49
N VAL B 105 -4.63 -38.64 -18.02
CA VAL B 105 -5.27 -37.53 -17.33
C VAL B 105 -4.45 -36.86 -16.28
N PHE B 106 -3.79 -37.59 -15.39
CA PHE B 106 -2.92 -37.03 -14.38
C PHE B 106 -1.50 -36.88 -14.83
N LYS B 107 -1.21 -36.71 -16.11
CA LYS B 107 0.05 -36.60 -16.74
C LYS B 107 1.18 -37.42 -16.12
N PHE B 108 0.97 -38.71 -15.87
CA PHE B 108 1.99 -39.58 -15.32
C PHE B 108 2.70 -40.28 -16.48
N ASP B 109 2.07 -40.20 -17.65
CA ASP B 109 2.52 -40.63 -18.94
C ASP B 109 3.38 -39.59 -19.66
N THR B 110 3.95 -38.68 -18.96
CA THR B 110 4.81 -37.58 -19.29
C THR B 110 6.18 -37.80 -18.63
N ILE B 111 6.14 -38.39 -17.44
CA ILE B 111 7.38 -38.72 -16.73
C ILE B 111 8.16 -39.72 -17.59
N SER B 112 9.48 -39.55 -17.65
CA SER B 112 10.32 -40.43 -18.44
C SER B 112 10.66 -41.73 -17.72
N GLU B 113 9.81 -42.72 -17.91
CA GLU B 113 9.97 -44.06 -17.36
C GLU B 113 8.98 -44.98 -18.09
N LYS B 114 9.35 -46.24 -18.29
CA LYS B 114 8.56 -47.12 -19.15
C LYS B 114 7.43 -47.84 -18.44
N THR B 115 7.48 -47.96 -17.12
CA THR B 115 6.45 -48.70 -16.40
C THR B 115 5.56 -47.79 -15.59
N SER B 116 4.26 -48.12 -15.53
CA SER B 116 3.25 -47.39 -14.81
C SER B 116 3.23 -47.56 -13.30
N ASP B 117 4.03 -48.46 -12.77
CA ASP B 117 4.21 -48.72 -11.36
C ASP B 117 5.37 -47.94 -10.78
N GLN B 118 6.11 -47.22 -11.62
CA GLN B 118 7.26 -46.44 -11.21
C GLN B 118 6.88 -45.05 -10.75
N ILE B 119 5.75 -44.56 -11.24
CA ILE B 119 5.10 -43.36 -10.71
C ILE B 119 5.09 -43.36 -9.19
N HIS B 120 4.46 -44.36 -8.56
CA HIS B 120 4.36 -44.48 -7.14
C HIS B 120 5.61 -44.41 -6.33
N PHE B 121 6.77 -44.87 -6.79
CA PHE B 121 8.00 -44.70 -6.02
C PHE B 121 8.42 -43.25 -5.93
N PHE B 122 8.27 -42.49 -7.02
CA PHE B 122 8.60 -41.08 -7.07
C PHE B 122 7.60 -40.20 -6.33
N PHE B 123 6.30 -40.47 -6.49
CA PHE B 123 5.27 -39.78 -5.73
C PHE B 123 5.53 -39.84 -4.23
N ALA B 124 5.77 -41.03 -3.70
CA ALA B 124 6.25 -41.23 -2.35
C ALA B 124 7.46 -40.38 -2.01
N LYS B 125 8.50 -40.34 -2.83
CA LYS B 125 9.68 -39.52 -2.58
C LYS B 125 9.40 -38.03 -2.61
N LEU B 126 8.58 -37.59 -3.56
CA LEU B 126 8.04 -36.22 -3.56
C LEU B 126 7.35 -35.92 -2.24
N ASN B 127 6.39 -36.77 -1.85
CA ASN B 127 5.76 -36.72 -0.56
C ASN B 127 6.74 -36.68 0.60
N CYS B 128 7.82 -37.46 0.59
CA CYS B 128 8.88 -37.38 1.57
C CYS B 128 9.51 -36.00 1.67
N ARG B 129 9.96 -35.47 0.53
CA ARG B 129 10.52 -34.12 0.50
C ARG B 129 9.54 -33.10 1.03
N LEU B 130 8.30 -33.07 0.54
CA LEU B 130 7.28 -32.16 1.01
C LEU B 130 7.03 -32.22 2.51
N TYR B 131 6.62 -33.36 3.06
CA TYR B 131 6.17 -33.47 4.43
C TYR B 131 7.16 -33.89 5.49
N ARG B 132 8.43 -34.08 5.15
CA ARG B 132 9.43 -34.45 6.15
C ARG B 132 10.68 -33.59 6.01
N LYS B 133 10.55 -32.30 6.34
CA LYS B 133 11.72 -31.42 6.22
C LYS B 133 12.27 -31.09 7.60
N ALA B 134 13.51 -30.65 7.64
CA ALA B 134 14.12 -30.23 8.92
C ALA B 134 13.65 -28.79 9.21
N ASN B 135 13.57 -27.99 8.14
CA ASN B 135 13.03 -26.65 8.18
C ASN B 135 11.55 -26.63 8.56
N LYS B 136 11.27 -26.38 9.83
CA LYS B 136 9.88 -26.24 10.29
C LYS B 136 9.52 -24.78 10.47
N SER B 137 9.79 -23.97 9.45
CA SER B 137 9.33 -22.57 9.45
C SER B 137 7.78 -22.70 9.39
N SER B 138 7.32 -23.27 8.29
CA SER B 138 5.89 -23.50 8.13
C SER B 138 5.52 -24.98 8.24
N LYS B 139 4.34 -25.22 8.81
CA LYS B 139 3.77 -26.54 8.96
C LYS B 139 3.09 -27.03 7.69
N LEU B 140 3.63 -28.08 7.09
CA LEU B 140 3.06 -28.74 5.94
C LEU B 140 3.02 -30.26 6.15
N VAL B 141 1.83 -30.78 6.41
CA VAL B 141 1.59 -32.16 6.71
C VAL B 141 0.57 -32.80 5.75
N SER B 142 0.56 -34.13 5.71
CA SER B 142 -0.40 -34.88 4.92
C SER B 142 -0.73 -36.23 5.53
N ALA B 143 -1.97 -36.68 5.36
CA ALA B 143 -2.38 -37.99 5.87
C ALA B 143 -3.35 -38.64 4.91
N ASN B 144 -2.98 -39.83 4.41
CA ASN B 144 -3.85 -40.58 3.52
C ASN B 144 -4.42 -41.79 4.28
N ARG B 145 -5.57 -42.26 3.83
CA ARG B 145 -6.19 -43.42 4.46
C ARG B 145 -7.26 -44.07 3.60
N LEU B 146 -7.20 -45.40 3.54
CA LEU B 146 -8.25 -46.19 2.91
C LEU B 146 -9.25 -46.64 3.98
N PHE B 147 -10.54 -46.49 3.72
CA PHE B 147 -11.58 -46.91 4.64
C PHE B 147 -12.45 -47.97 3.91
N GLY B 148 -12.10 -49.24 4.04
CA GLY B 148 -12.78 -50.27 3.25
C GLY B 148 -13.83 -51.02 4.05
N ASP B 149 -14.85 -51.57 3.39
CA ASP B 149 -15.87 -52.33 4.09
C ASP B 149 -15.28 -53.40 5.00
N LYS B 150 -15.97 -53.63 6.10
CA LYS B 150 -15.61 -54.52 7.16
C LYS B 150 -15.73 -56.01 6.85
N SER B 151 -16.71 -56.38 6.05
CA SER B 151 -16.92 -57.77 5.67
C SER B 151 -15.92 -58.30 4.66
N LEU B 152 -15.43 -57.48 3.74
CA LEU B 152 -14.59 -57.94 2.66
C LEU B 152 -13.12 -58.13 3.03
N THR B 153 -12.41 -58.76 2.09
CA THR B 153 -10.96 -58.96 2.22
C THR B 153 -10.27 -58.24 1.05
N PHE B 154 -9.25 -57.45 1.34
CA PHE B 154 -8.62 -56.65 0.28
C PHE B 154 -7.30 -57.26 -0.13
N ASN B 155 -7.02 -57.25 -1.44
CA ASN B 155 -5.77 -57.81 -1.94
C ASN B 155 -4.64 -57.41 -0.97
N GLU B 156 -3.84 -58.39 -0.58
CA GLU B 156 -2.82 -58.18 0.43
C GLU B 156 -1.67 -57.36 -0.09
N THR B 157 -1.30 -57.55 -1.36
CA THR B 157 -0.27 -56.69 -1.95
C THR B 157 -0.79 -55.27 -2.09
N TYR B 158 -1.98 -55.10 -2.67
CA TYR B 158 -2.66 -53.81 -2.68
C TYR B 158 -2.50 -53.08 -1.35
N GLN B 159 -3.14 -53.61 -0.31
CA GLN B 159 -3.03 -53.05 1.03
C GLN B 159 -1.63 -52.61 1.39
N ASP B 160 -0.67 -53.53 1.46
CA ASP B 160 0.71 -53.23 1.78
C ASP B 160 1.30 -52.06 1.01
N ILE B 161 1.25 -52.06 -0.32
CA ILE B 161 1.77 -50.94 -1.10
C ILE B 161 1.09 -49.64 -0.75
N SER B 162 -0.24 -49.61 -0.69
CA SER B 162 -1.00 -48.49 -0.17
C SER B 162 -0.38 -47.87 1.07
N GLU B 163 -0.24 -48.63 2.15
CA GLU B 163 0.43 -48.16 3.35
C GLU B 163 1.91 -47.90 3.15
N LEU B 164 2.63 -48.72 2.38
CA LEU B 164 4.05 -48.52 2.17
C LEU B 164 4.40 -47.27 1.40
N VAL B 165 3.72 -47.00 0.29
CA VAL B 165 4.03 -45.88 -0.58
C VAL B 165 3.42 -44.58 -0.11
N TYR B 166 2.14 -44.59 0.30
CA TYR B 166 1.46 -43.35 0.64
C TYR B 166 1.21 -43.16 2.13
N GLY B 167 1.30 -44.24 2.91
CA GLY B 167 1.02 -44.20 4.34
C GLY B 167 -0.46 -44.51 4.61
N ALA B 168 -1.13 -45.01 3.59
CA ALA B 168 -2.55 -45.29 3.62
C ALA B 168 -2.90 -46.60 4.29
N LYS B 169 -3.14 -46.54 5.58
CA LYS B 169 -3.64 -47.67 6.35
C LYS B 169 -5.08 -47.95 5.90
N LEU B 170 -5.51 -49.18 6.12
CA LEU B 170 -6.88 -49.58 5.74
C LEU B 170 -7.72 -49.71 6.99
N GLN B 171 -8.73 -48.86 7.13
CA GLN B 171 -9.60 -48.93 8.31
C GLN B 171 -10.95 -49.53 7.98
N PRO B 172 -11.32 -50.57 8.73
CA PRO B 172 -12.54 -51.31 8.49
C PRO B 172 -13.76 -50.59 9.02
N LEU B 173 -14.63 -50.15 8.12
CA LEU B 173 -15.86 -49.49 8.52
C LEU B 173 -17.05 -50.32 8.02
N ASP B 174 -18.22 -50.14 8.62
CA ASP B 174 -19.38 -50.89 8.19
C ASP B 174 -20.12 -50.20 7.06
N PHE B 175 -19.61 -50.21 5.83
CA PHE B 175 -20.39 -49.59 4.75
C PHE B 175 -21.73 -50.29 4.60
N LYS B 176 -21.74 -51.62 4.49
CA LYS B 176 -22.93 -52.41 4.30
C LYS B 176 -24.08 -52.19 5.26
N GLU B 177 -23.83 -52.08 6.56
CA GLU B 177 -24.88 -51.88 7.55
C GLU B 177 -25.01 -50.47 8.05
N ASN B 178 -24.03 -49.99 8.84
CA ASN B 178 -24.11 -48.64 9.40
C ASN B 178 -23.39 -47.64 8.51
N ALA B 179 -24.04 -47.22 7.43
CA ALA B 179 -23.47 -46.48 6.33
C ALA B 179 -23.22 -45.01 6.53
N GLU B 180 -24.26 -44.27 6.91
CA GLU B 180 -24.21 -42.87 7.23
C GLU B 180 -23.47 -42.48 8.50
N GLN B 181 -22.96 -43.38 9.29
CA GLN B 181 -22.13 -43.16 10.45
C GLN B 181 -20.65 -43.33 10.11
N SER B 182 -20.41 -44.01 8.98
CA SER B 182 -19.06 -44.28 8.50
C SER B 182 -18.65 -43.16 7.54
N ARG B 183 -19.68 -42.60 6.89
CA ARG B 183 -19.60 -41.33 6.17
C ARG B 183 -19.19 -40.22 7.13
N ALA B 184 -19.84 -40.19 8.29
CA ALA B 184 -19.55 -39.34 9.41
C ALA B 184 -18.28 -39.64 10.18
N ALA B 185 -17.64 -40.77 9.98
CA ALA B 185 -16.41 -41.15 10.67
C ALA B 185 -15.21 -40.82 9.79
N ILE B 186 -15.46 -40.78 8.47
CA ILE B 186 -14.41 -40.42 7.51
C ILE B 186 -14.25 -38.89 7.54
N ASN B 187 -15.38 -38.19 7.49
CA ASN B 187 -15.42 -36.75 7.69
C ASN B 187 -14.71 -36.34 8.97
N LYS B 188 -15.04 -36.94 10.14
CA LYS B 188 -14.34 -36.66 11.36
C LYS B 188 -12.87 -37.00 11.35
N TRP B 189 -12.45 -38.03 10.62
CA TRP B 189 -11.05 -38.36 10.42
C TRP B 189 -10.33 -37.26 9.64
N VAL B 190 -10.97 -36.79 8.55
CA VAL B 190 -10.41 -35.68 7.79
C VAL B 190 -10.27 -34.44 8.69
N SER B 191 -11.40 -34.11 9.32
CA SER B 191 -11.49 -33.05 10.29
C SER B 191 -10.36 -33.04 11.29
N ASN B 192 -10.10 -34.14 12.00
CA ASN B 192 -8.97 -34.27 12.88
C ASN B 192 -7.64 -33.98 12.21
N LYS B 193 -7.39 -34.49 11.01
CA LYS B 193 -6.15 -34.26 10.30
C LYS B 193 -5.97 -32.90 9.70
N THR B 194 -7.02 -32.10 9.59
CA THR B 194 -6.99 -30.75 9.04
C THR B 194 -7.36 -29.69 10.06
N GLU B 195 -6.98 -29.87 11.32
CA GLU B 195 -7.30 -29.00 12.43
C GLU B 195 -8.66 -28.35 12.40
N GLY B 196 -9.78 -29.05 12.23
CA GLY B 196 -11.08 -28.46 12.14
C GLY B 196 -11.49 -27.77 10.86
N ARG B 197 -10.62 -27.50 9.90
CA ARG B 197 -10.96 -26.74 8.73
C ARG B 197 -11.80 -27.52 7.73
N ILE B 198 -11.33 -28.71 7.38
CA ILE B 198 -12.11 -29.49 6.41
C ILE B 198 -13.11 -30.34 7.17
N THR B 199 -14.40 -30.00 7.09
CA THR B 199 -15.37 -30.70 7.93
C THR B 199 -16.30 -31.62 7.19
N ASP B 200 -16.82 -31.24 6.04
CA ASP B 200 -17.81 -32.04 5.34
C ASP B 200 -17.31 -32.63 4.04
N VAL B 201 -16.10 -33.21 4.00
CA VAL B 201 -15.62 -33.75 2.73
C VAL B 201 -16.68 -34.57 2.01
N ILE B 202 -17.12 -35.66 2.64
CA ILE B 202 -18.12 -36.53 2.02
C ILE B 202 -19.54 -36.03 2.24
N PRO B 203 -20.15 -35.57 1.15
CA PRO B 203 -21.48 -35.00 1.15
C PRO B 203 -22.51 -36.02 1.64
N SER B 204 -23.64 -35.51 2.09
CA SER B 204 -24.70 -36.36 2.59
C SER B 204 -25.26 -37.28 1.53
N GLU B 205 -25.39 -38.55 1.90
CA GLU B 205 -26.03 -39.57 1.08
C GLU B 205 -25.21 -40.02 -0.10
N ALA B 206 -23.89 -40.16 0.04
CA ALA B 206 -23.06 -40.58 -1.10
C ALA B 206 -22.49 -41.98 -0.86
N ILE B 207 -22.37 -42.30 0.43
CA ILE B 207 -21.92 -43.63 0.85
C ILE B 207 -23.14 -44.50 1.14
N ASN B 208 -23.29 -45.60 0.39
CA ASN B 208 -24.44 -46.47 0.58
C ASN B 208 -24.10 -47.86 1.07
N GLU B 209 -25.05 -48.79 0.87
CA GLU B 209 -24.93 -50.18 1.29
C GLU B 209 -23.94 -50.97 0.46
N LEU B 210 -23.75 -50.58 -0.80
CA LEU B 210 -22.80 -51.15 -1.71
C LEU B 210 -21.42 -50.52 -1.65
N THR B 211 -21.21 -49.45 -0.89
CA THR B 211 -19.90 -48.81 -0.85
C THR B 211 -18.84 -49.82 -0.40
N VAL B 212 -17.87 -50.08 -1.25
CA VAL B 212 -16.78 -51.01 -0.95
C VAL B 212 -15.62 -50.30 -0.24
N LEU B 213 -15.14 -49.23 -0.85
CA LEU B 213 -13.92 -48.57 -0.40
C LEU B 213 -13.98 -47.07 -0.64
N VAL B 214 -13.39 -46.31 0.28
CA VAL B 214 -13.24 -44.87 0.17
C VAL B 214 -11.76 -44.48 0.35
N LEU B 215 -11.13 -43.98 -0.72
CA LEU B 215 -9.72 -43.56 -0.64
C LEU B 215 -9.63 -42.08 -0.32
N VAL B 216 -8.85 -41.68 0.68
CA VAL B 216 -8.88 -40.30 1.20
C VAL B 216 -7.50 -39.70 1.34
N ASN B 217 -7.30 -38.50 0.78
CA ASN B 217 -6.10 -37.70 1.06
C ASN B 217 -6.46 -36.52 1.97
N THR B 218 -5.45 -35.89 2.53
CA THR B 218 -5.53 -34.77 3.44
C THR B 218 -4.23 -33.99 3.46
N ILE B 219 -4.29 -32.68 3.21
CA ILE B 219 -3.15 -31.78 3.29
C ILE B 219 -3.53 -30.57 4.17
N TYR B 220 -2.63 -30.22 5.08
CA TYR B 220 -2.79 -29.05 5.94
C TYR B 220 -1.54 -28.15 5.79
N PHE B 221 -1.76 -26.86 5.68
CA PHE B 221 -0.68 -25.87 5.71
C PHE B 221 -1.01 -24.75 6.71
N LYS B 222 0.01 -24.25 7.38
CA LYS B 222 -0.08 -23.02 8.12
C LYS B 222 1.32 -22.36 8.11
N GLY B 223 1.37 -21.14 7.59
CA GLY B 223 2.64 -20.42 7.60
C GLY B 223 2.46 -19.03 8.20
N LEU B 224 3.57 -18.50 8.69
CA LEU B 224 3.64 -17.10 9.11
C LEU B 224 4.37 -16.34 8.00
N TRP B 225 3.84 -15.18 7.63
CA TRP B 225 4.54 -14.41 6.57
C TRP B 225 6.01 -14.26 6.92
N LYS B 226 6.90 -14.17 5.91
CA LYS B 226 8.29 -13.82 6.20
C LYS B 226 8.34 -12.39 6.78
N SER B 227 7.56 -11.45 6.23
CA SER B 227 7.30 -10.18 6.86
C SER B 227 5.82 -9.94 7.15
N LYS B 228 5.46 -9.79 8.42
CA LYS B 228 4.08 -9.61 8.84
C LYS B 228 3.38 -8.38 8.27
N PHE B 229 2.06 -8.34 8.38
CA PHE B 229 1.24 -7.16 8.18
C PHE B 229 0.82 -6.66 9.59
N SER B 230 1.34 -5.52 10.03
CA SER B 230 0.89 -4.99 11.33
C SER B 230 -0.62 -4.77 11.26
N PRO B 231 -1.30 -5.17 12.34
CA PRO B 231 -2.74 -5.08 12.44
C PRO B 231 -3.29 -3.69 12.71
N GLU B 232 -2.44 -2.76 13.16
CA GLU B 232 -2.75 -1.34 13.25
C GLU B 232 -3.14 -0.71 11.94
N ASN B 233 -2.54 -1.14 10.82
CA ASN B 233 -2.79 -0.64 9.49
C ASN B 233 -3.94 -1.23 8.72
N THR B 234 -4.67 -2.19 9.27
CA THR B 234 -5.80 -2.79 8.54
C THR B 234 -6.98 -1.85 8.55
N ARG B 235 -7.66 -1.69 7.42
CA ARG B 235 -8.77 -0.77 7.28
C ARG B 235 -10.01 -1.41 6.65
N LYS B 236 -11.16 -1.22 7.27
CA LYS B 236 -12.40 -1.71 6.65
C LYS B 236 -12.74 -0.79 5.47
N GLU B 237 -12.85 -1.33 4.28
CA GLU B 237 -13.33 -0.58 3.12
C GLU B 237 -14.35 -1.44 2.37
N LEU B 238 -15.35 -0.81 1.77
CA LEU B 238 -16.44 -1.56 1.18
C LEU B 238 -16.15 -2.11 -0.21
N PHE B 239 -16.72 -3.28 -0.49
CA PHE B 239 -16.49 -4.00 -1.74
C PHE B 239 -17.80 -4.09 -2.51
N TYR B 240 -17.75 -3.88 -3.83
CA TYR B 240 -18.94 -3.84 -4.65
C TYR B 240 -19.01 -5.04 -5.60
N LYS B 241 -20.15 -5.74 -5.57
CA LYS B 241 -20.30 -6.90 -6.45
C LYS B 241 -20.97 -6.56 -7.75
N ALA B 242 -20.84 -7.45 -8.74
CA ALA B 242 -21.42 -7.32 -10.06
C ALA B 242 -22.93 -7.24 -10.09
N ASP B 243 -23.62 -7.92 -9.19
CA ASP B 243 -25.04 -7.83 -8.96
C ASP B 243 -25.48 -6.42 -8.56
N GLY B 244 -24.71 -5.78 -7.70
CA GLY B 244 -24.98 -4.41 -7.26
C GLY B 244 -25.14 -4.41 -5.74
N GLU B 245 -24.08 -4.82 -5.06
CA GLU B 245 -24.16 -4.94 -3.60
C GLU B 245 -22.84 -4.56 -2.94
N SER B 246 -22.89 -4.32 -1.63
CA SER B 246 -21.70 -3.90 -0.89
C SER B 246 -21.38 -4.87 0.25
N CYS B 247 -20.10 -5.00 0.58
CA CYS B 247 -19.71 -5.74 1.79
C CYS B 247 -18.49 -5.09 2.41
N SER B 248 -18.28 -5.23 3.71
CA SER B 248 -17.15 -4.57 4.37
C SER B 248 -15.87 -5.38 4.36
N ALA B 249 -15.00 -5.14 3.37
CA ALA B 249 -13.73 -5.87 3.30
C ALA B 249 -12.76 -5.35 4.34
N SER B 250 -11.90 -6.24 4.84
CA SER B 250 -10.82 -5.82 5.74
C SER B 250 -9.48 -5.82 5.02
N MET B 251 -9.10 -4.67 4.46
CA MET B 251 -7.82 -4.56 3.78
C MET B 251 -6.67 -4.48 4.77
N MET B 252 -5.59 -5.17 4.44
CA MET B 252 -4.35 -5.08 5.20
C MET B 252 -3.41 -4.16 4.42
N TYR B 253 -2.31 -3.72 5.02
CA TYR B 253 -1.38 -2.84 4.31
C TYR B 253 0.04 -3.21 4.75
N GLN B 254 1.02 -3.03 3.86
CA GLN B 254 2.41 -3.11 4.33
C GLN B 254 3.34 -2.59 3.24
N GLU B 255 4.55 -2.20 3.63
CA GLU B 255 5.52 -1.66 2.67
C GLU B 255 6.83 -2.43 2.87
N GLY B 256 7.43 -2.92 1.79
CA GLY B 256 8.67 -3.67 1.90
C GLY B 256 9.22 -4.12 0.56
N LYS B 257 10.30 -4.91 0.60
CA LYS B 257 10.91 -5.45 -0.62
C LYS B 257 10.32 -6.83 -0.90
N PHE B 258 9.74 -7.01 -2.08
CA PHE B 258 9.00 -8.21 -2.46
C PHE B 258 9.30 -8.59 -3.91
N ARG B 259 9.44 -9.89 -4.20
CA ARG B 259 9.67 -10.28 -5.62
C ARG B 259 8.41 -9.89 -6.39
N TYR B 260 8.55 -9.10 -7.44
CA TYR B 260 7.38 -8.53 -8.12
C TYR B 260 7.68 -8.25 -9.60
N ARG B 261 6.62 -8.27 -10.41
CA ARG B 261 6.67 -7.94 -11.78
C ARG B 261 5.35 -7.58 -12.42
N ARG B 262 5.40 -6.43 -13.10
CA ARG B 262 4.29 -5.99 -13.96
C ARG B 262 4.56 -6.59 -15.35
N VAL B 263 3.79 -7.62 -15.70
CA VAL B 263 4.01 -8.38 -16.92
C VAL B 263 3.12 -7.96 -18.06
N ALA B 264 3.12 -8.75 -19.13
CA ALA B 264 2.41 -8.47 -20.36
C ALA B 264 0.95 -8.14 -20.11
N GLU B 265 0.43 -7.13 -20.82
CA GLU B 265 -0.94 -6.66 -20.64
C GLU B 265 -1.23 -5.93 -19.35
N GLY B 266 -0.25 -5.55 -18.55
CA GLY B 266 -0.45 -4.81 -17.33
C GLY B 266 -0.92 -5.68 -16.16
N THR B 267 -0.46 -6.92 -16.15
CA THR B 267 -0.84 -7.90 -15.13
C THR B 267 0.28 -7.94 -14.09
N GLN B 268 -0.09 -7.96 -12.80
CA GLN B 268 0.91 -7.96 -11.76
C GLN B 268 1.02 -9.33 -11.08
N VAL B 269 2.26 -9.74 -10.82
CA VAL B 269 2.57 -11.01 -10.19
C VAL B 269 3.34 -10.70 -8.90
N LEU B 270 2.74 -10.86 -7.74
CA LEU B 270 3.48 -10.51 -6.51
C LEU B 270 3.74 -11.79 -5.72
N GLU B 271 4.88 -11.90 -5.08
CA GLU B 271 5.21 -13.11 -4.34
C GLU B 271 5.43 -12.82 -2.87
N LEU B 272 4.65 -13.46 -2.00
CA LEU B 272 4.72 -13.26 -0.56
C LEU B 272 5.25 -14.51 0.14
N PRO B 273 6.56 -14.55 0.39
CA PRO B 273 7.21 -15.71 0.97
C PRO B 273 6.87 -15.89 2.44
N PHE B 274 6.82 -17.16 2.86
CA PHE B 274 6.56 -17.50 4.26
C PHE B 274 7.87 -17.67 5.03
N LYS B 275 7.81 -17.60 6.36
CA LYS B 275 9.00 -17.77 7.17
C LYS B 275 9.76 -19.04 6.80
N GLY B 276 10.89 -18.88 6.12
CA GLY B 276 11.69 -20.02 5.67
C GLY B 276 12.09 -19.86 4.22
N ASP B 277 11.22 -19.29 3.38
CA ASP B 277 11.47 -19.10 1.97
C ASP B 277 11.14 -20.29 1.09
N ASP B 278 10.87 -21.46 1.64
CA ASP B 278 10.61 -22.70 0.97
C ASP B 278 9.22 -22.74 0.36
N ILE B 279 8.23 -22.22 1.10
CA ILE B 279 6.86 -22.12 0.58
C ILE B 279 6.48 -20.66 0.43
N THR B 280 5.93 -20.24 -0.72
CA THR B 280 5.53 -18.87 -0.96
C THR B 280 4.09 -18.75 -1.48
N MET B 281 3.40 -17.66 -1.09
CA MET B 281 2.13 -17.35 -1.73
C MET B 281 2.37 -16.46 -2.94
N VAL B 282 1.78 -16.78 -4.09
CA VAL B 282 2.01 -16.00 -5.31
C VAL B 282 0.67 -15.45 -5.81
N LEU B 283 0.49 -14.14 -5.82
CA LEU B 283 -0.77 -13.52 -6.25
C LEU B 283 -0.62 -13.13 -7.72
N ILE B 284 -1.71 -12.96 -8.44
CA ILE B 284 -1.69 -12.60 -9.85
C ILE B 284 -2.95 -11.75 -10.09
N LEU B 285 -2.74 -10.47 -10.36
CA LEU B 285 -3.85 -9.58 -10.63
C LEU B 285 -3.67 -8.90 -11.99
N PRO B 286 -4.76 -8.85 -12.74
CA PRO B 286 -4.76 -8.30 -14.08
C PRO B 286 -4.97 -6.79 -14.06
N LYS B 287 -4.53 -6.10 -15.11
CA LYS B 287 -4.77 -4.65 -15.21
C LYS B 287 -6.26 -4.40 -14.98
N PRO B 288 -6.60 -3.47 -14.11
CA PRO B 288 -7.97 -3.10 -13.80
C PRO B 288 -9.00 -3.22 -14.87
N GLU B 289 -8.82 -2.63 -16.06
CA GLU B 289 -9.76 -2.77 -17.15
C GLU B 289 -10.09 -4.23 -17.43
N LYS B 290 -9.10 -5.01 -17.83
CA LYS B 290 -9.22 -6.42 -18.16
C LYS B 290 -9.89 -7.28 -17.10
N SER B 291 -10.20 -8.52 -17.49
CA SER B 291 -10.77 -9.54 -16.63
C SER B 291 -9.73 -10.61 -16.31
N LEU B 292 -10.16 -11.61 -15.55
CA LEU B 292 -9.27 -12.73 -15.20
C LEU B 292 -9.23 -13.75 -16.31
N ALA B 293 -10.38 -13.94 -16.97
CA ALA B 293 -10.59 -14.81 -18.08
C ALA B 293 -9.43 -15.01 -19.03
N LYS B 294 -8.95 -13.98 -19.69
CA LYS B 294 -7.79 -14.06 -20.57
C LYS B 294 -6.64 -14.85 -19.96
N VAL B 295 -6.16 -14.44 -18.80
CA VAL B 295 -5.10 -15.08 -18.04
C VAL B 295 -5.43 -16.51 -17.62
N GLU B 296 -6.65 -16.71 -17.10
CA GLU B 296 -7.15 -18.04 -16.77
C GLU B 296 -7.18 -18.94 -17.99
N LYS B 297 -7.64 -18.49 -19.16
CA LYS B 297 -7.62 -19.24 -20.38
C LYS B 297 -6.26 -19.58 -20.95
N GLU B 298 -5.20 -18.84 -20.67
CA GLU B 298 -3.87 -19.11 -21.21
C GLU B 298 -2.93 -19.68 -20.16
N LEU B 299 -3.41 -19.82 -18.94
CA LEU B 299 -2.64 -20.31 -17.81
C LEU B 299 -2.04 -21.68 -18.03
N THR B 300 -0.71 -21.80 -18.06
CA THR B 300 -0.01 -23.07 -18.16
C THR B 300 1.17 -23.06 -17.15
N PRO B 301 1.76 -24.26 -16.95
CA PRO B 301 2.97 -24.39 -16.15
C PRO B 301 4.14 -23.57 -16.69
N GLU B 302 4.34 -23.54 -18.00
CA GLU B 302 5.32 -22.76 -18.71
C GLU B 302 5.09 -21.26 -18.44
N VAL B 303 3.90 -20.79 -18.80
CA VAL B 303 3.47 -19.43 -18.45
C VAL B 303 3.78 -19.07 -17.01
N LEU B 304 3.28 -19.79 -16.01
CA LEU B 304 3.58 -19.59 -14.62
C LEU B 304 5.05 -19.50 -14.26
N GLN B 305 5.92 -20.32 -14.82
CA GLN B 305 7.35 -20.28 -14.55
C GLN B 305 8.05 -19.10 -15.23
N GLU B 306 7.53 -18.66 -16.36
CA GLU B 306 8.03 -17.47 -17.08
C GLU B 306 8.01 -16.28 -16.11
N TRP B 307 6.80 -15.87 -15.73
CA TRP B 307 6.55 -14.88 -14.72
C TRP B 307 7.44 -15.03 -13.50
N LEU B 308 7.42 -16.20 -12.85
CA LEU B 308 8.34 -16.52 -11.78
C LEU B 308 9.77 -16.13 -12.07
N ASP B 309 10.37 -16.53 -13.19
CA ASP B 309 11.72 -16.17 -13.59
C ASP B 309 11.95 -14.67 -13.80
N GLU B 310 10.96 -13.96 -14.28
CA GLU B 310 10.93 -12.53 -14.51
C GLU B 310 10.99 -11.70 -13.24
N LEU B 311 10.25 -12.06 -12.19
CA LEU B 311 10.16 -11.27 -10.97
C LEU B 311 11.50 -10.75 -10.47
N GLU B 312 11.48 -9.53 -9.92
CA GLU B 312 12.64 -8.94 -9.27
C GLU B 312 12.24 -8.32 -7.92
N GLU B 313 13.23 -8.13 -7.07
CA GLU B 313 13.02 -7.53 -5.75
C GLU B 313 12.62 -6.07 -5.90
N MET B 314 11.61 -5.60 -5.16
CA MET B 314 11.13 -4.24 -5.36
C MET B 314 10.54 -3.62 -4.10
N MET B 315 10.77 -2.30 -3.95
CA MET B 315 10.11 -1.58 -2.85
C MET B 315 8.66 -1.34 -3.30
N LEU B 316 7.73 -1.82 -2.46
CA LEU B 316 6.34 -1.69 -2.86
C LEU B 316 5.36 -1.69 -1.71
N VAL B 317 4.17 -1.18 -1.98
CA VAL B 317 3.11 -1.17 -0.98
C VAL B 317 2.13 -2.28 -1.40
N VAL B 318 1.87 -3.16 -0.44
CA VAL B 318 0.93 -4.25 -0.66
C VAL B 318 -0.35 -4.00 0.16
N HIS B 319 -1.46 -4.11 -0.52
CA HIS B 319 -2.78 -4.05 0.10
C HIS B 319 -3.54 -5.35 -0.29
N MET B 320 -3.81 -6.21 0.68
CA MET B 320 -4.59 -7.42 0.40
C MET B 320 -5.52 -7.68 1.58
N PRO B 321 -6.64 -8.34 1.32
CA PRO B 321 -7.66 -8.58 2.31
C PRO B 321 -7.29 -9.52 3.46
N ARG B 322 -8.10 -9.47 4.52
CA ARG B 322 -8.04 -10.38 5.68
C ARG B 322 -9.33 -11.23 5.51
N PHE B 323 -9.19 -12.46 5.04
CA PHE B 323 -10.35 -13.16 4.48
C PHE B 323 -10.27 -14.67 4.60
N ARG B 324 -11.43 -15.29 4.40
CA ARG B 324 -11.57 -16.73 4.44
C ARG B 324 -12.44 -17.25 3.30
N ILE B 325 -11.89 -18.12 2.46
CA ILE B 325 -12.67 -18.79 1.44
C ILE B 325 -12.66 -20.32 1.63
N GLU B 326 -13.80 -20.93 1.37
CA GLU B 326 -14.00 -22.37 1.44
C GLU B 326 -14.66 -22.82 0.11
N ASP B 327 -14.12 -23.84 -0.51
CA ASP B 327 -14.70 -24.37 -1.77
C ASP B 327 -14.89 -25.88 -1.64
N GLY B 328 -15.96 -26.42 -2.20
CA GLY B 328 -16.30 -27.83 -2.06
C GLY B 328 -17.06 -28.33 -3.29
N PHE B 329 -16.55 -29.40 -3.92
CA PHE B 329 -17.12 -29.90 -5.16
C PHE B 329 -16.80 -31.36 -5.46
N SER B 330 -17.54 -31.92 -6.41
CA SER B 330 -17.27 -33.24 -6.99
C SER B 330 -16.37 -33.10 -8.22
N LEU B 331 -15.53 -34.09 -8.50
CA LEU B 331 -14.55 -33.99 -9.56
C LEU B 331 -14.99 -34.76 -10.82
N LYS B 332 -16.13 -35.43 -10.70
CA LYS B 332 -16.64 -36.32 -11.71
C LYS B 332 -16.71 -35.73 -13.10
N GLU B 333 -17.62 -34.78 -13.31
CA GLU B 333 -17.80 -34.13 -14.61
C GLU B 333 -16.51 -33.59 -15.19
N GLN B 334 -15.79 -32.79 -14.40
CA GLN B 334 -14.51 -32.24 -14.79
C GLN B 334 -13.54 -33.31 -15.22
N LEU B 335 -13.23 -34.29 -14.37
CA LEU B 335 -12.33 -35.38 -14.71
C LEU B 335 -12.79 -36.22 -15.88
N GLN B 336 -14.09 -36.48 -15.98
CA GLN B 336 -14.69 -37.14 -17.13
C GLN B 336 -14.32 -36.40 -18.42
N ASP B 337 -14.59 -35.09 -18.45
CA ASP B 337 -14.16 -34.18 -19.49
C ASP B 337 -12.72 -34.29 -19.92
N MET B 338 -11.75 -34.47 -19.04
CA MET B 338 -10.35 -34.62 -19.39
C MET B 338 -9.98 -36.03 -19.79
N GLY B 339 -10.87 -37.01 -19.67
CA GLY B 339 -10.62 -38.35 -20.12
C GLY B 339 -10.73 -39.47 -19.12
N LEU B 340 -11.08 -39.22 -17.86
CA LEU B 340 -11.30 -40.34 -16.91
C LEU B 340 -12.75 -40.82 -17.12
N VAL B 341 -12.96 -41.71 -18.10
CA VAL B 341 -14.31 -42.14 -18.42
C VAL B 341 -14.56 -43.55 -17.93
N ASP B 342 -13.57 -44.42 -18.05
CA ASP B 342 -13.70 -45.82 -17.64
C ASP B 342 -13.94 -45.95 -16.15
N LEU B 343 -13.04 -45.38 -15.35
CA LEU B 343 -13.06 -45.38 -13.91
C LEU B 343 -14.41 -45.14 -13.26
N PHE B 344 -15.15 -44.14 -13.70
CA PHE B 344 -16.49 -43.85 -13.25
C PHE B 344 -17.55 -44.76 -13.83
N SER B 345 -17.28 -45.49 -14.91
CA SER B 345 -18.23 -46.36 -15.56
C SER B 345 -18.41 -47.71 -14.87
N PRO B 346 -19.67 -48.01 -14.52
CA PRO B 346 -20.05 -49.26 -13.89
C PRO B 346 -19.68 -50.48 -14.70
N GLU B 347 -19.90 -50.46 -16.02
CA GLU B 347 -19.57 -51.53 -16.91
C GLU B 347 -18.11 -51.63 -17.30
N LYS B 348 -17.42 -50.53 -17.56
CA LYS B 348 -16.06 -50.58 -18.10
C LYS B 348 -14.96 -50.34 -17.11
N SER B 349 -15.29 -49.89 -15.90
CA SER B 349 -14.26 -49.56 -14.91
C SER B 349 -13.46 -50.81 -14.57
N LYS B 350 -12.14 -50.69 -14.53
CA LYS B 350 -11.30 -51.85 -14.32
C LYS B 350 -10.43 -51.70 -13.08
N LEU B 351 -10.89 -52.26 -11.95
CA LEU B 351 -10.14 -52.22 -10.70
C LEU B 351 -10.07 -53.58 -10.01
N PRO B 352 -9.27 -54.51 -10.48
CA PRO B 352 -9.21 -55.85 -9.92
C PRO B 352 -7.98 -56.09 -9.05
N GLY B 353 -7.45 -55.06 -8.40
CA GLY B 353 -6.36 -55.27 -7.45
C GLY B 353 -6.85 -54.90 -6.04
N ILE B 354 -8.08 -54.39 -5.93
CA ILE B 354 -8.55 -53.92 -4.64
C ILE B 354 -8.95 -55.01 -3.68
N VAL B 355 -10.01 -55.76 -3.96
CA VAL B 355 -10.36 -56.92 -3.16
C VAL B 355 -9.57 -58.18 -3.55
N ALA B 356 -10.02 -59.32 -3.03
CA ALA B 356 -9.38 -60.61 -3.17
C ALA B 356 -9.71 -61.36 -4.45
N GLU B 357 -10.98 -61.41 -4.83
CA GLU B 357 -11.39 -62.17 -6.01
C GLU B 357 -11.31 -61.42 -7.32
N GLY B 358 -11.20 -60.10 -7.29
CA GLY B 358 -11.11 -59.31 -8.51
C GLY B 358 -12.43 -58.63 -8.82
N ARG B 359 -13.29 -58.49 -7.81
CA ARG B 359 -14.58 -57.84 -8.00
C ARG B 359 -14.46 -56.78 -9.09
N ASP B 360 -15.14 -57.02 -10.22
CA ASP B 360 -15.11 -56.11 -11.35
C ASP B 360 -16.42 -55.33 -11.45
N ASP B 361 -16.95 -55.00 -10.29
CA ASP B 361 -18.09 -54.17 -10.02
C ASP B 361 -17.57 -52.95 -9.22
N LEU B 362 -16.24 -52.83 -9.20
CA LEU B 362 -15.60 -51.68 -8.59
C LEU B 362 -15.46 -50.59 -9.68
N TYR B 363 -16.01 -49.45 -9.39
CA TYR B 363 -16.07 -48.30 -10.29
C TYR B 363 -16.24 -47.09 -9.35
N VAL B 364 -15.67 -45.95 -9.71
CA VAL B 364 -15.77 -44.81 -8.81
C VAL B 364 -17.14 -44.18 -8.93
N SER B 365 -17.90 -44.19 -7.82
CA SER B 365 -19.25 -43.61 -7.90
C SER B 365 -19.14 -42.11 -8.15
N ASP B 366 -18.51 -41.41 -7.22
CA ASP B 366 -18.21 -40.00 -7.29
C ASP B 366 -16.91 -39.76 -6.47
N ALA B 367 -16.25 -38.66 -6.71
CA ALA B 367 -15.08 -38.26 -5.95
C ALA B 367 -15.24 -36.79 -5.58
N PHE B 368 -14.99 -36.48 -4.31
CA PHE B 368 -15.18 -35.16 -3.77
C PHE B 368 -13.87 -34.51 -3.32
N HIS B 369 -13.91 -33.20 -3.25
CA HIS B 369 -12.83 -32.35 -2.81
C HIS B 369 -13.42 -31.19 -1.98
N LYS B 370 -12.63 -30.72 -1.05
CA LYS B 370 -13.06 -29.60 -0.21
C LYS B 370 -11.81 -28.92 0.34
N ALA B 371 -11.73 -27.61 0.14
CA ALA B 371 -10.56 -26.84 0.54
C ALA B 371 -11.01 -25.58 1.30
N PHE B 372 -10.05 -25.02 2.02
CA PHE B 372 -10.26 -23.89 2.93
C PHE B 372 -9.03 -22.98 2.85
N LEU B 373 -9.22 -21.70 2.61
CA LEU B 373 -8.09 -20.76 2.68
C LEU B 373 -8.40 -19.64 3.67
N GLU B 374 -7.40 -19.26 4.45
CA GLU B 374 -7.54 -18.16 5.41
C GLU B 374 -6.21 -17.39 5.47
N VAL B 375 -6.31 -16.14 5.07
CA VAL B 375 -5.14 -15.26 5.00
C VAL B 375 -5.37 -14.14 6.03
N ASN B 376 -4.34 -13.82 6.79
CA ASN B 376 -4.47 -12.73 7.76
C ASN B 376 -3.13 -12.06 7.98
N GLU B 377 -3.11 -11.16 8.96
CA GLU B 377 -1.97 -10.34 9.30
C GLU B 377 -0.71 -11.15 9.60
N GLU B 378 -0.91 -12.24 10.32
CA GLU B 378 0.12 -13.14 10.79
C GLU B 378 0.57 -14.15 9.77
N GLY B 379 -0.26 -14.49 8.77
CA GLY B 379 0.12 -15.41 7.72
C GLY B 379 -1.06 -16.07 7.05
N SER B 380 -0.90 -17.36 6.70
CA SER B 380 -1.94 -18.12 6.02
C SER B 380 -2.14 -19.53 6.56
N GLU B 381 -3.38 -20.00 6.47
CA GLU B 381 -3.77 -21.35 6.83
C GLU B 381 -4.55 -21.92 5.63
N ALA B 382 -4.12 -23.05 5.11
CA ALA B 382 -4.83 -23.67 3.98
C ALA B 382 -5.02 -25.16 4.31
N ALA B 383 -6.16 -25.70 3.93
CA ALA B 383 -6.44 -27.11 4.17
C ALA B 383 -7.24 -27.67 2.99
N ALA B 384 -7.05 -28.94 2.67
CA ALA B 384 -7.88 -29.55 1.63
C ALA B 384 -7.97 -31.06 1.79
N SER B 385 -9.02 -31.64 1.21
CA SER B 385 -9.18 -33.07 1.23
C SER B 385 -9.81 -33.64 -0.05
N THR B 386 -9.39 -34.84 -0.44
CA THR B 386 -9.99 -35.54 -1.56
C THR B 386 -10.41 -36.94 -1.10
N ALA B 387 -11.60 -37.34 -1.53
CA ALA B 387 -12.15 -38.63 -1.19
C ALA B 387 -12.73 -39.31 -2.44
N VAL B 388 -12.02 -40.31 -2.96
CA VAL B 388 -12.58 -41.13 -4.04
C VAL B 388 -13.46 -42.25 -3.46
N VAL B 389 -14.73 -42.29 -3.86
CA VAL B 389 -15.67 -43.27 -3.36
C VAL B 389 -16.02 -44.36 -4.34
N ILE B 390 -15.60 -45.58 -4.01
CA ILE B 390 -15.89 -46.75 -4.81
C ILE B 390 -17.23 -47.40 -4.47
N ALA B 391 -18.13 -47.41 -5.44
CA ALA B 391 -19.42 -48.01 -5.39
C ALA B 391 -20.46 -47.46 -4.45
N GLY B 392 -20.51 -46.15 -4.22
CA GLY B 392 -21.65 -45.55 -3.48
C GLY B 392 -22.69 -45.10 -4.52
N ARG B 393 -23.25 -43.92 -4.32
CA ARG B 393 -24.13 -43.28 -5.30
C ARG B 393 -23.33 -42.19 -6.05
N SER B 394 -23.94 -41.59 -7.08
CA SER B 394 -23.33 -40.45 -7.75
C SER B 394 -24.31 -39.27 -7.73
N LEU B 395 -24.24 -38.45 -6.67
CA LEU B 395 -25.19 -37.36 -6.53
C LEU B 395 -24.87 -36.18 -7.44
N ASN B 396 -25.83 -35.25 -7.54
CA ASN B 396 -25.66 -34.08 -8.38
C ASN B 396 -24.96 -32.96 -7.65
N PRO B 397 -24.17 -32.18 -8.42
CA PRO B 397 -23.42 -31.05 -7.88
C PRO B 397 -24.31 -30.22 -6.96
N ASN B 398 -23.97 -30.22 -5.68
CA ASN B 398 -24.71 -29.43 -4.68
C ASN B 398 -24.07 -28.05 -4.56
N ARG B 399 -24.66 -27.06 -5.24
CA ARG B 399 -24.11 -25.73 -5.30
C ARG B 399 -24.79 -24.73 -4.38
N VAL B 400 -23.96 -24.01 -3.62
CA VAL B 400 -24.44 -22.99 -2.71
C VAL B 400 -23.37 -21.90 -2.54
N THR B 401 -23.31 -21.00 -3.53
CA THR B 401 -22.33 -19.93 -3.54
C THR B 401 -22.78 -18.73 -4.36
N PHE B 402 -22.21 -17.57 -4.05
CA PHE B 402 -22.58 -16.33 -4.72
C PHE B 402 -21.41 -15.74 -5.52
N LYS B 403 -21.76 -15.03 -6.59
CA LYS B 403 -20.78 -14.37 -7.46
C LYS B 403 -20.35 -13.03 -6.85
N ALA B 404 -19.14 -12.56 -7.14
CA ALA B 404 -18.67 -11.27 -6.62
C ALA B 404 -17.64 -10.67 -7.56
N ASN B 405 -17.33 -9.38 -7.54
CA ASN B 405 -16.45 -8.81 -8.53
C ASN B 405 -14.95 -8.98 -8.36
N ARG B 406 -14.20 -8.39 -9.31
CA ARG B 406 -12.78 -8.24 -9.32
C ARG B 406 -11.99 -9.28 -8.55
N PRO B 407 -11.76 -10.43 -9.20
CA PRO B 407 -11.05 -11.55 -8.62
C PRO B 407 -9.55 -11.57 -8.85
N PHE B 408 -8.81 -12.23 -7.96
CA PHE B 408 -7.38 -12.44 -8.17
C PHE B 408 -7.01 -13.89 -7.91
N LEU B 409 -6.09 -14.45 -8.70
CA LEU B 409 -5.62 -15.80 -8.51
C LEU B 409 -4.64 -15.86 -7.32
N VAL B 410 -4.72 -16.94 -6.55
CA VAL B 410 -3.80 -17.21 -5.46
C VAL B 410 -3.13 -18.57 -5.76
N PHE B 411 -1.89 -18.76 -5.37
CA PHE B 411 -1.18 -20.02 -5.55
C PHE B 411 -0.21 -20.15 -4.35
N ILE B 412 -0.36 -21.24 -3.60
CA ILE B 412 0.64 -21.49 -2.55
C ILE B 412 1.54 -22.61 -3.08
N ARG B 413 2.84 -22.34 -3.12
CA ARG B 413 3.76 -23.24 -3.81
C ARG B 413 4.98 -23.58 -2.98
N GLU B 414 5.56 -24.74 -3.30
CA GLU B 414 6.83 -25.13 -2.67
C GLU B 414 7.94 -24.89 -3.69
N VAL B 415 8.87 -24.01 -3.35
CA VAL B 415 9.84 -23.51 -4.29
C VAL B 415 10.82 -24.51 -4.83
N PRO B 416 11.59 -25.16 -3.95
CA PRO B 416 12.59 -26.12 -4.33
C PRO B 416 12.08 -27.31 -5.11
N LEU B 417 10.91 -27.87 -4.76
CA LEU B 417 10.33 -29.00 -5.43
C LEU B 417 9.26 -28.68 -6.46
N ASN B 418 9.23 -27.55 -7.10
CA ASN B 418 8.26 -27.12 -8.08
C ASN B 418 6.84 -27.61 -7.94
N THR B 419 6.18 -27.61 -6.77
CA THR B 419 4.84 -28.12 -6.68
C THR B 419 3.82 -27.07 -6.27
N ILE B 420 2.73 -26.99 -7.03
CA ILE B 420 1.59 -26.14 -6.62
C ILE B 420 0.79 -26.94 -5.57
N ILE B 421 0.88 -26.57 -4.32
CA ILE B 421 0.12 -27.24 -3.26
C ILE B 421 -1.34 -26.82 -3.32
N PHE B 422 -1.61 -25.55 -3.03
CA PHE B 422 -2.98 -25.03 -3.15
C PHE B 422 -3.02 -24.10 -4.37
N MET B 423 -4.21 -23.73 -4.75
CA MET B 423 -4.38 -22.91 -5.98
C MET B 423 -5.82 -22.44 -5.99
N GLY B 424 -6.05 -21.16 -6.28
CA GLY B 424 -7.42 -20.68 -6.26
C GLY B 424 -7.58 -19.33 -6.95
N ARG B 425 -8.83 -18.88 -6.86
CA ARG B 425 -9.24 -17.58 -7.37
C ARG B 425 -10.10 -16.91 -6.29
N VAL B 426 -9.50 -15.94 -5.56
CA VAL B 426 -10.29 -15.23 -4.56
C VAL B 426 -11.18 -14.22 -5.30
N ALA B 427 -12.47 -14.17 -4.95
CA ALA B 427 -13.33 -13.24 -5.68
C ALA B 427 -14.25 -12.50 -4.73
N ASN B 428 -14.24 -12.91 -3.47
CA ASN B 428 -15.04 -12.22 -2.43
C ASN B 428 -14.24 -12.19 -1.14
N PRO B 429 -13.75 -11.00 -0.76
CA PRO B 429 -12.97 -10.84 0.45
C PRO B 429 -13.75 -10.62 1.72
N CYS B 430 -15.05 -10.84 1.76
CA CYS B 430 -15.89 -10.66 2.94
C CYS B 430 -16.32 -11.99 3.54
C1 NAG C . 19.21 47.02 25.49
C2 NAG C . 20.44 47.87 25.70
C3 NAG C . 20.52 48.27 27.16
C4 NAG C . 19.21 49.05 27.54
C5 NAG C . 17.99 48.20 27.15
C6 NAG C . 16.69 48.94 27.34
C7 NAG C . 22.71 47.77 24.68
C8 NAG C . 23.87 46.91 24.35
N2 NAG C . 21.67 47.15 25.31
O3 NAG C . 21.65 49.11 27.35
O4 NAG C . 19.19 49.26 28.95
O5 NAG C . 18.06 47.86 25.76
O6 NAG C . 16.70 50.26 26.98
O7 NAG C . 22.67 48.90 24.44
C1 NAG C . 19.09 50.58 29.40
C2 NAG C . 18.14 50.58 30.60
C3 NAG C . 18.08 51.93 31.29
C4 NAG C . 19.51 52.42 31.60
C5 NAG C . 20.41 52.33 30.34
C6 NAG C . 21.86 52.64 30.72
C7 NAG C . 15.95 49.41 30.94
C8 NAG C . 14.71 48.97 30.26
N2 NAG C . 16.77 50.19 30.19
O3 NAG C . 17.36 51.79 32.52
O4 NAG C . 19.51 53.77 32.05
O5 NAG C . 20.39 51.00 29.85
O6 NAG C . 22.72 51.58 30.49
O7 NAG C . 16.21 49.13 32.02
C1 NAG D . -3.02 -59.42 -5.22
C2 NAG D . -3.45 -60.79 -5.68
C3 NAG D . -2.39 -61.56 -6.38
C4 NAG D . -1.64 -60.70 -7.47
C5 NAG D . -1.35 -59.29 -6.91
C6 NAG D . -0.94 -58.33 -8.02
C7 NAG D . -5.20 -61.96 -4.37
C8 NAG D . -5.49 -62.69 -3.10
N2 NAG D . -3.90 -61.60 -4.50
O3 NAG D . -2.93 -62.69 -7.04
O4 NAG D . -0.47 -61.44 -7.66
O5 NAG D . -2.54 -58.71 -6.37
O6 NAG D . -1.49 -57.07 -7.80
O7 NAG D . -6.00 -61.71 -5.14
C1 NAG D . 0.21 -61.65 -8.81
C2 NAG D . 1.67 -61.96 -8.37
C3 NAG D . 2.53 -62.02 -9.60
C4 NAG D . 2.04 -63.29 -10.35
C5 NAG D . 0.53 -63.23 -10.61
C6 NAG D . 0.04 -64.63 -11.02
C7 NAG D . 2.26 -61.55 -6.00
C8 NAG D . 2.94 -60.61 -5.08
N2 NAG D . 2.13 -61.10 -7.29
O3 NAG D . 3.89 -62.15 -9.24
O4 NAG D . 2.71 -63.43 -11.61
O5 NAG D . -0.22 -62.85 -9.49
O6 NAG D . -1.25 -64.89 -10.60
O7 NAG D . 1.87 -62.57 -5.67
C1 NAG E . -6.57 -35.46 16.46
C2 NAG E . -6.72 -34.37 17.48
C3 NAG E . -5.53 -34.28 18.41
C4 NAG E . -4.97 -35.64 18.90
C5 NAG E . -5.02 -36.69 17.75
C6 NAG E . -4.74 -38.08 18.24
C7 NAG E . -8.07 -32.51 16.48
C8 NAG E . -7.99 -31.20 15.78
N2 NAG E . -6.87 -33.04 16.80
O3 NAG E . -5.89 -33.48 19.53
O4 NAG E . -3.62 -35.47 19.27
O5 NAG E . -6.31 -36.69 17.16
O6 NAG E . -4.59 -39.02 17.22
O7 NAG E . -9.06 -33.03 16.73
C1 NAG E . -3.12 -35.85 20.51
C2 NAG E . -1.60 -35.69 20.46
C3 NAG E . -0.92 -35.81 21.78
C4 NAG E . -1.52 -34.74 22.76
C5 NAG E . -3.06 -34.99 22.81
C6 NAG E . -3.78 -33.86 23.54
C7 NAG E . -1.01 -37.81 19.25
C8 NAG E . -0.39 -38.32 18.00
N2 NAG E . -0.96 -36.47 19.40
O3 NAG E . 0.47 -35.54 21.60
O4 NAG E . -0.96 -34.85 24.06
O5 NAG E . -3.61 -34.95 21.50
O6 NAG E . -4.34 -34.24 24.74
O7 NAG E . -1.50 -38.48 20.03
C1 BMA E . -0.46 -33.66 24.64
C2 BMA E . -1.40 -33.28 25.81
C3 BMA E . -0.84 -32.05 26.54
C4 BMA E . 0.53 -32.41 27.09
C5 BMA E . 1.44 -32.99 26.00
C6 BMA E . 2.68 -33.70 26.56
O2 BMA E . -1.56 -34.34 26.73
O3 BMA E . -1.79 -31.77 27.55
O4 BMA E . 1.14 -31.30 27.72
O5 BMA E . 0.81 -33.96 25.17
O6 BMA E . 3.68 -32.73 26.71
C1 BMA E . -2.06 -30.43 27.87
C2 BMA E . -3.58 -30.25 28.06
C3 BMA E . -3.86 -29.27 29.18
C4 BMA E . -3.19 -29.73 30.45
C5 BMA E . -1.66 -29.66 30.20
C6 BMA E . -0.81 -30.35 31.26
O2 BMA E . -4.24 -31.48 28.30
O3 BMA E . -5.27 -29.12 29.33
O4 BMA E . -3.56 -28.99 31.59
O5 BMA E . -1.28 -30.07 28.94
O6 BMA E . 0.24 -29.48 31.60
C1 NAG F . 9.71 56.82 20.47
C2 NAG F . 10.84 57.79 20.18
C3 NAG F . 11.26 58.67 21.33
C4 NAG F . 10.04 59.22 22.10
C5 NAG F . 9.01 58.09 22.39
C6 NAG F . 7.77 58.66 23.04
C7 NAG F . 12.72 56.13 20.10
C8 NAG F . 13.74 55.56 19.20
N2 NAG F . 11.99 57.14 19.56
O3 NAG F . 11.99 59.78 20.80
O4 NAG F . 10.42 59.79 23.36
O5 NAG F . 8.65 57.51 21.17
O6 NAG F . 7.56 60.02 22.90
O7 NAG F . 12.54 55.77 21.17
C1 NAG G . 25.30 20.98 7.98
C2 NAG G . 25.83 19.78 7.23
C3 NAG G . 25.87 18.53 8.08
C4 NAG G . 26.62 18.82 9.39
C5 NAG G . 26.11 20.09 10.10
C6 NAG G . 27.13 20.50 11.17
C7 NAG G . 23.81 19.33 5.82
C8 NAG G . 23.34 19.28 4.41
N2 NAG G . 25.14 19.54 5.96
O3 NAG G . 26.56 17.51 7.35
O4 NAG G . 26.47 17.73 10.32
O5 NAG G . 26.00 21.17 9.21
O6 NAG G . 26.62 21.33 12.14
O7 NAG G . 23.11 19.19 6.72
C1 GOL H . -5.73 26.57 6.42
O1 GOL H . -5.92 26.34 4.99
C2 GOL H . -6.21 28.00 6.80
O2 GOL H . -5.91 28.36 8.15
C3 GOL H . -7.73 28.19 6.61
O3 GOL H . -8.44 27.22 7.36
C1 NAG I . -6.41 -56.14 -19.79
C2 NAG I . -6.73 -56.96 -20.99
C3 NAG I . -6.43 -58.43 -20.68
C4 NAG I . -4.96 -58.54 -20.22
C5 NAG I . -4.66 -57.59 -19.03
C6 NAG I . -3.16 -57.52 -18.76
C7 NAG I . -9.24 -57.07 -20.94
C8 NAG I . -10.45 -56.81 -21.76
N2 NAG I . -8.07 -56.78 -21.55
O3 NAG I . -6.67 -59.21 -21.83
O4 NAG I . -4.65 -59.87 -19.79
O5 NAG I . -5.02 -56.29 -19.42
O6 NAG I . -2.68 -56.21 -18.71
O7 NAG I . -9.28 -57.49 -19.88
C1 GOL J . 3.58 -22.42 -10.20
O1 GOL J . 3.64 -21.84 -8.88
C2 GOL J . 4.58 -23.60 -10.33
O2 GOL J . 5.66 -23.59 -9.42
C3 GOL J . 5.19 -23.68 -11.75
O3 GOL J . 4.20 -23.44 -12.75
#